data_5GLN
#
_entry.id   5GLN
#
_cell.length_a   74.760
_cell.length_b   61.587
_cell.length_c   78.922
_cell.angle_alpha   90.00
_cell.angle_beta   95.84
_cell.angle_gamma   90.00
#
_symmetry.space_group_name_H-M   'P 1 21 1'
#
loop_
_entity.id
_entity.type
_entity.pdbx_description
1 polymer 'Glycoside hydrolase family 43'
2 branched beta-D-xylopyranose-(1-4)-beta-D-xylopyranose
3 branched beta-D-xylopyranose-(1-4)-beta-D-xylopyranose-(1-4)-beta-D-xylopyranose
4 non-polymer 'CALCIUM ION'
5 non-polymer 'SODIUM ION'
6 non-polymer alpha-D-xylopyranose
7 non-polymer beta-D-xylopyranose
8 non-polymer 'ACETATE ION'
9 water water
#
_entity_poly.entity_id   1
_entity_poly.type   'polypeptide(L)'
_entity_poly.pdbx_seq_one_letter_code
;MGSSHHHHHHSSGLVPRGSHMEPLVTHIYTADPSAHVFDGKVYIYPSHDIDAGTPENDMGDHFDMRDYHVLSMNSIPGEV
TDHGVALDIKDIPWAGRQLWAPDAASKDGKYYLYFPAKDKEDIFRIGVAVSDSPAGPFKPESEPIKGSYSIDPAVFKDDD
GKYYMYFGGIWGGQLQRWTTGEYAGHDASKTDLEQDDAPAIGPRIALMSDDMLSFAEPVKEISIVDEQGNPILGGDHDRR
FFEAAWMHKYNGTYYLSYSTGDTHYIVYATGDNPYGPFTYRGVILNPVIGWTNHHSIVEFNGKWYLFYHDSSLSGGKTHL
RCIKVTELTHNADGTIETISPYIE
;
_entity_poly.pdbx_strand_id   A,B
#
loop_
_chem_comp.id
_chem_comp.type
_chem_comp.name
_chem_comp.formula
ACT non-polymer 'ACETATE ION' 'C2 H3 O2 -1'
CA non-polymer 'CALCIUM ION' 'Ca 2'
NA non-polymer 'SODIUM ION' 'Na 1'
XYP D-saccharide, beta linking beta-D-xylopyranose 'C5 H10 O5'
XYS D-saccharide, alpha linking alpha-D-xylopyranose 'C5 H10 O5'
#
# COMPACT_ATOMS: atom_id res chain seq x y z
N VAL A 15 30.24 -5.07 -8.22
CA VAL A 15 29.87 -5.59 -6.86
C VAL A 15 28.48 -6.27 -6.85
N PRO A 16 28.26 -7.24 -5.93
CA PRO A 16 26.96 -7.92 -5.89
C PRO A 16 25.81 -7.02 -5.42
N ARG A 17 24.65 -7.18 -6.05
CA ARG A 17 23.46 -6.36 -5.81
C ARG A 17 22.20 -7.23 -5.74
N GLY A 18 21.18 -6.74 -5.03
CA GLY A 18 19.88 -7.40 -4.88
C GLY A 18 19.64 -8.19 -3.60
N SER A 19 20.35 -7.85 -2.53
CA SER A 19 20.27 -8.60 -1.26
C SER A 19 19.22 -8.06 -0.28
N HIS A 20 18.97 -6.75 -0.28
CA HIS A 20 18.08 -6.11 0.72
C HIS A 20 17.25 -4.97 0.08
N MET A 21 16.61 -5.29 -1.04
CA MET A 21 15.77 -4.34 -1.78
C MET A 21 16.48 -3.02 -2.17
N GLU A 22 17.80 -3.07 -2.37
CA GLU A 22 18.53 -1.91 -2.86
C GLU A 22 18.39 -1.83 -4.39
N PRO A 23 18.61 -0.64 -4.98
CA PRO A 23 18.60 -0.54 -6.44
C PRO A 23 19.59 -1.50 -7.08
N LEU A 24 19.15 -2.22 -8.10
CA LEU A 24 20.02 -3.18 -8.80
C LEU A 24 21.10 -2.49 -9.63
N VAL A 25 20.77 -1.35 -10.24
CA VAL A 25 21.76 -0.48 -10.89
C VAL A 25 21.50 0.98 -10.52
N THR A 26 22.58 1.76 -10.48
CA THR A 26 22.51 3.18 -10.14
C THR A 26 23.12 4.12 -11.21
N HIS A 27 23.86 3.57 -12.18
CA HIS A 27 24.51 4.38 -13.20
C HIS A 27 23.53 4.88 -14.26
N ILE A 28 22.41 4.19 -14.42
CA ILE A 28 21.27 4.66 -15.23
C ILE A 28 19.99 4.45 -14.43
N TYR A 29 18.95 5.19 -14.80
CA TYR A 29 17.60 4.98 -14.24
C TYR A 29 16.90 3.89 -15.05
N THR A 30 16.21 3.00 -14.35
CA THR A 30 15.61 1.80 -14.95
C THR A 30 14.21 1.58 -14.37
N ALA A 31 13.33 0.99 -15.17
CA ALA A 31 11.93 0.83 -14.79
C ALA A 31 11.33 -0.37 -15.49
N ASP A 32 10.19 -0.82 -15.00
CA ASP A 32 9.31 -1.74 -15.69
C ASP A 32 10.02 -3.08 -15.98
N PRO A 33 10.64 -3.68 -14.95
CA PRO A 33 11.52 -4.82 -15.23
C PRO A 33 10.80 -6.10 -15.66
N SER A 34 11.12 -6.59 -16.85
CA SER A 34 10.69 -7.92 -17.30
C SER A 34 11.86 -8.90 -17.18
N ALA A 35 11.78 -9.82 -16.23
CA ALA A 35 12.86 -10.77 -15.96
C ALA A 35 12.58 -12.14 -16.54
N HIS A 36 13.59 -12.73 -17.17
CA HIS A 36 13.54 -14.07 -17.75
C HIS A 36 14.78 -14.85 -17.40
N VAL A 37 14.66 -16.17 -17.37
CA VAL A 37 15.80 -17.07 -17.27
C VAL A 37 16.11 -17.60 -18.67
N PHE A 38 17.20 -17.10 -19.25
CA PHE A 38 17.73 -17.57 -20.53
C PHE A 38 19.18 -18.00 -20.31
N ASP A 39 19.57 -19.16 -20.85
CA ASP A 39 20.95 -19.67 -20.73
C ASP A 39 21.45 -19.72 -19.28
N GLY A 40 20.57 -20.10 -18.36
CA GLY A 40 20.89 -20.20 -16.94
C GLY A 40 21.20 -18.90 -16.21
N LYS A 41 20.90 -17.76 -16.83
CA LYS A 41 21.13 -16.44 -16.24
C LYS A 41 19.79 -15.72 -16.17
N VAL A 42 19.69 -14.74 -15.29
CA VAL A 42 18.53 -13.85 -15.29
C VAL A 42 18.81 -12.69 -16.25
N TYR A 43 18.02 -12.57 -17.31
CA TYR A 43 18.04 -11.40 -18.19
C TYR A 43 16.87 -10.50 -17.85
N ILE A 44 17.13 -9.20 -17.76
CA ILE A 44 16.11 -8.24 -17.38
C ILE A 44 15.97 -7.23 -18.52
N TYR A 45 14.73 -7.00 -18.94
CA TYR A 45 14.40 -6.07 -20.02
C TYR A 45 13.55 -4.96 -19.42
N PRO A 46 14.19 -3.86 -18.98
CA PRO A 46 13.53 -2.73 -18.38
C PRO A 46 13.47 -1.54 -19.33
N SER A 47 12.64 -0.56 -19.00
CA SER A 47 12.67 0.75 -19.65
C SER A 47 13.91 1.48 -19.14
N HIS A 48 14.47 2.33 -19.99
CA HIS A 48 15.60 3.19 -19.60
C HIS A 48 15.11 4.61 -19.44
N ASP A 49 14.87 5.02 -18.19
CA ASP A 49 14.37 6.36 -17.90
C ASP A 49 15.47 7.40 -18.10
N ILE A 50 15.06 8.57 -18.59
CA ILE A 50 15.97 9.72 -18.74
C ILE A 50 15.28 10.98 -18.28
N ASP A 51 16.06 11.94 -17.80
CA ASP A 51 15.50 13.18 -17.31
C ASP A 51 15.34 14.13 -18.48
N ALA A 52 14.31 13.87 -19.27
CA ALA A 52 14.03 14.61 -20.50
C ALA A 52 13.53 16.02 -20.24
N GLY A 53 12.89 16.24 -19.08
CA GLY A 53 12.29 17.53 -18.76
C GLY A 53 11.03 17.85 -19.57
N THR A 54 10.41 16.82 -20.12
CA THR A 54 9.23 16.96 -20.99
C THR A 54 8.02 17.30 -20.11
N PRO A 55 6.99 17.97 -20.67
CA PRO A 55 5.85 18.31 -19.81
C PRO A 55 5.21 17.10 -19.12
N GLU A 56 4.91 17.27 -17.83
CA GLU A 56 4.27 16.24 -17.00
C GLU A 56 2.76 16.37 -17.09
N ASN A 57 2.08 15.27 -17.38
CA ASN A 57 0.62 15.24 -17.47
C ASN A 57 0.06 13.83 -17.33
N ASP A 58 -1.27 13.72 -17.29
CA ASP A 58 -1.95 12.44 -17.11
C ASP A 58 -1.88 11.51 -18.33
N MET A 59 -1.38 11.97 -19.47
CA MET A 59 -1.11 11.10 -20.60
C MET A 59 0.33 10.57 -20.64
N GLY A 60 1.15 10.98 -19.67
CA GLY A 60 2.49 10.42 -19.51
C GLY A 60 3.55 10.96 -20.45
N ASP A 61 3.40 12.20 -20.91
CA ASP A 61 4.40 12.76 -21.84
C ASP A 61 5.79 12.87 -21.19
N HIS A 62 5.81 13.04 -19.87
CA HIS A 62 7.04 13.01 -19.06
C HIS A 62 7.85 11.70 -19.07
N PHE A 63 7.24 10.59 -19.49
CA PHE A 63 7.98 9.36 -19.73
C PHE A 63 8.41 9.38 -21.19
N ASP A 64 9.63 9.86 -21.44
CA ASP A 64 10.08 10.16 -22.81
C ASP A 64 11.32 9.36 -23.17
N MET A 65 11.26 8.05 -22.88
CA MET A 65 12.41 7.18 -23.05
C MET A 65 12.71 6.91 -24.53
N ARG A 66 13.98 6.67 -24.82
CA ARG A 66 14.47 6.60 -26.20
C ARG A 66 15.26 5.35 -26.57
N ASP A 67 15.63 4.52 -25.59
CA ASP A 67 16.35 3.28 -25.91
C ASP A 67 16.12 2.25 -24.82
N TYR A 68 16.64 1.04 -25.06
CA TYR A 68 16.61 -0.03 -24.08
C TYR A 68 18.02 -0.56 -23.87
N HIS A 69 18.37 -0.82 -22.62
CA HIS A 69 19.56 -1.60 -22.24
C HIS A 69 19.10 -2.93 -21.63
N VAL A 70 19.71 -4.04 -22.06
CA VAL A 70 19.47 -5.34 -21.42
C VAL A 70 20.42 -5.48 -20.22
N LEU A 71 19.89 -5.96 -19.10
CA LEU A 71 20.70 -6.26 -17.91
C LEU A 71 20.75 -7.76 -17.68
N SER A 72 21.80 -8.26 -17.05
CA SER A 72 21.84 -9.67 -16.67
C SER A 72 22.51 -9.92 -15.33
N MET A 73 22.09 -11.00 -14.68
CA MET A 73 22.63 -11.44 -13.39
C MET A 73 22.84 -12.94 -13.47
N ASN A 74 23.98 -13.41 -12.98
CA ASN A 74 24.26 -14.85 -12.87
C ASN A 74 23.71 -15.47 -11.60
N SER A 75 23.51 -14.65 -10.57
CA SER A 75 22.91 -15.05 -9.30
C SER A 75 22.13 -13.88 -8.72
N ILE A 76 21.25 -14.16 -7.77
CA ILE A 76 20.57 -13.14 -6.99
C ILE A 76 20.83 -13.42 -5.51
N PRO A 77 21.52 -12.52 -4.78
CA PRO A 77 22.16 -11.33 -5.31
C PRO A 77 23.33 -11.63 -6.24
N GLY A 78 23.70 -10.64 -7.05
CA GLY A 78 24.81 -10.81 -7.97
C GLY A 78 25.18 -9.54 -8.70
N GLU A 79 26.37 -9.55 -9.31
CA GLU A 79 26.80 -8.48 -10.19
C GLU A 79 25.78 -8.34 -11.31
N VAL A 80 25.40 -7.10 -11.61
CA VAL A 80 24.47 -6.80 -12.71
C VAL A 80 25.26 -6.25 -13.89
N THR A 81 25.17 -6.91 -15.03
CA THR A 81 25.85 -6.50 -16.25
C THR A 81 24.91 -5.68 -17.13
N ASP A 82 25.35 -4.50 -17.53
CA ASP A 82 24.66 -3.64 -18.49
C ASP A 82 25.28 -3.93 -19.86
N HIS A 83 24.48 -4.47 -20.76
CA HIS A 83 24.95 -4.88 -22.10
C HIS A 83 24.96 -3.76 -23.16
N GLY A 84 24.70 -2.52 -22.74
CA GLY A 84 24.77 -1.36 -23.63
C GLY A 84 23.42 -1.09 -24.24
N VAL A 85 23.39 -0.32 -25.32
CA VAL A 85 22.13 -0.03 -26.01
C VAL A 85 21.72 -1.23 -26.87
N ALA A 86 20.60 -1.84 -26.54
CA ALA A 86 20.07 -2.99 -27.29
C ALA A 86 19.17 -2.57 -28.45
N LEU A 87 18.52 -1.42 -28.31
CA LEU A 87 17.64 -0.88 -29.35
C LEU A 87 17.49 0.60 -29.10
N ASP A 88 17.58 1.39 -30.17
CA ASP A 88 17.50 2.85 -30.11
C ASP A 88 16.30 3.27 -30.95
N ILE A 89 15.49 4.19 -30.43
CA ILE A 89 14.30 4.65 -31.14
C ILE A 89 14.60 5.21 -32.53
N LYS A 90 15.76 5.83 -32.71
CA LYS A 90 16.14 6.38 -34.02
C LYS A 90 16.27 5.33 -35.12
N ASP A 91 16.47 4.06 -34.73
CA ASP A 91 16.56 2.95 -35.68
C ASP A 91 15.27 2.16 -35.88
N ILE A 92 14.20 2.54 -35.19
CA ILE A 92 12.90 1.88 -35.32
C ILE A 92 12.10 2.70 -36.34
N PRO A 93 11.93 2.19 -37.57
CA PRO A 93 11.41 3.06 -38.64
C PRO A 93 10.01 3.65 -38.40
N TRP A 94 9.13 2.85 -37.82
CA TRP A 94 7.73 3.24 -37.57
C TRP A 94 7.51 4.12 -36.34
N ALA A 95 8.46 4.12 -35.41
CA ALA A 95 8.24 4.71 -34.09
C ALA A 95 8.67 6.16 -34.05
N GLY A 96 7.84 7.02 -33.46
CA GLY A 96 8.15 8.44 -33.33
C GLY A 96 8.68 8.82 -31.97
N ARG A 97 8.06 8.33 -30.91
CA ARG A 97 8.49 8.63 -29.54
C ARG A 97 8.03 7.60 -28.53
N GLN A 98 8.65 7.66 -27.35
CA GLN A 98 8.23 6.95 -26.13
C GLN A 98 8.37 5.44 -26.14
N LEU A 99 9.58 4.98 -25.88
CA LEU A 99 9.87 3.55 -25.75
C LEU A 99 9.54 3.10 -24.34
N TRP A 100 8.35 2.55 -24.18
CA TRP A 100 7.78 2.24 -22.88
C TRP A 100 8.03 0.75 -22.51
N ALA A 101 7.36 0.26 -21.45
CA ALA A 101 7.70 -1.03 -20.79
C ALA A 101 7.80 -2.23 -21.75
N PRO A 102 9.00 -2.82 -21.90
CA PRO A 102 9.21 -3.89 -22.87
C PRO A 102 9.16 -5.30 -22.28
N ASP A 103 9.25 -6.31 -23.14
CA ASP A 103 9.46 -7.70 -22.70
C ASP A 103 10.27 -8.43 -23.77
N ALA A 104 10.74 -9.64 -23.45
CA ALA A 104 11.45 -10.47 -24.40
C ALA A 104 10.98 -11.91 -24.36
N ALA A 105 11.25 -12.64 -25.44
CA ALA A 105 10.97 -14.07 -25.51
C ALA A 105 12.05 -14.77 -26.30
N SER A 106 12.11 -16.08 -26.13
CA SER A 106 13.14 -16.91 -26.76
C SER A 106 12.42 -18.05 -27.46
N LYS A 107 12.72 -18.25 -28.74
CA LYS A 107 12.21 -19.41 -29.47
C LYS A 107 13.21 -19.87 -30.53
N ASP A 108 13.56 -21.16 -30.50
CA ASP A 108 14.40 -21.79 -31.53
C ASP A 108 15.72 -21.04 -31.77
N GLY A 109 16.37 -20.65 -30.68
CA GLY A 109 17.65 -19.94 -30.74
C GLY A 109 17.61 -18.48 -31.20
N LYS A 110 16.43 -17.90 -31.36
CA LYS A 110 16.29 -16.47 -31.63
C LYS A 110 15.65 -15.82 -30.41
N TYR A 111 15.94 -14.54 -30.25
CA TYR A 111 15.42 -13.75 -29.14
C TYR A 111 14.65 -12.56 -29.69
N TYR A 112 13.52 -12.28 -29.07
CA TYR A 112 12.57 -11.29 -29.58
C TYR A 112 12.30 -10.27 -28.51
N LEU A 113 12.57 -9.00 -28.80
CA LEU A 113 12.28 -7.89 -27.90
C LEU A 113 10.97 -7.26 -28.33
N TYR A 114 9.98 -7.24 -27.44
CA TYR A 114 8.65 -6.67 -27.72
C TYR A 114 8.57 -5.36 -27.00
N PHE A 115 8.13 -4.31 -27.70
CA PHE A 115 8.18 -2.98 -27.15
C PHE A 115 7.00 -2.12 -27.61
N PRO A 116 6.43 -1.34 -26.69
CA PRO A 116 5.42 -0.36 -27.05
C PRO A 116 6.06 1.00 -27.39
N ALA A 117 5.55 1.65 -28.42
CA ALA A 117 5.98 3.00 -28.78
C ALA A 117 4.89 3.69 -29.57
N LYS A 118 4.93 5.01 -29.60
CA LYS A 118 4.00 5.77 -30.41
C LYS A 118 4.46 5.76 -31.84
N ASP A 119 3.52 5.50 -32.75
CA ASP A 119 3.79 5.61 -34.18
C ASP A 119 3.75 7.09 -34.56
N LYS A 120 3.86 7.37 -35.85
CA LYS A 120 3.95 8.76 -36.33
C LYS A 120 2.62 9.50 -36.22
N GLU A 121 1.51 8.78 -36.05
CA GLU A 121 0.20 9.36 -35.77
C GLU A 121 -0.12 9.48 -34.27
N ASP A 122 0.87 9.29 -33.39
CA ASP A 122 0.70 9.42 -31.93
C ASP A 122 -0.15 8.29 -31.32
N ILE A 123 -0.18 7.15 -31.99
CA ILE A 123 -0.95 5.99 -31.54
C ILE A 123 0.04 4.94 -31.06
N PHE A 124 -0.11 4.50 -29.81
CA PHE A 124 0.72 3.41 -29.29
C PHE A 124 0.47 2.14 -30.07
N ARG A 125 1.57 1.49 -30.48
CA ARG A 125 1.55 0.16 -31.10
C ARG A 125 2.64 -0.66 -30.43
N ILE A 126 2.63 -1.97 -30.69
CA ILE A 126 3.66 -2.86 -30.17
C ILE A 126 4.43 -3.47 -31.33
N GLY A 127 5.75 -3.33 -31.26
CA GLY A 127 6.66 -3.87 -32.27
C GLY A 127 7.58 -4.92 -31.72
N VAL A 128 8.29 -5.58 -32.63
CA VAL A 128 9.24 -6.61 -32.26
C VAL A 128 10.59 -6.32 -32.90
N ALA A 129 11.64 -6.69 -32.19
CA ALA A 129 13.00 -6.63 -32.70
C ALA A 129 13.67 -7.98 -32.42
N VAL A 130 14.61 -8.37 -33.29
CA VAL A 130 15.12 -9.74 -33.30
C VAL A 130 16.64 -9.79 -33.11
N SER A 131 17.10 -10.76 -32.34
CA SER A 131 18.53 -11.00 -32.11
C SER A 131 18.80 -12.49 -32.03
N ASP A 132 20.07 -12.85 -32.14
CA ASP A 132 20.54 -14.20 -31.87
C ASP A 132 21.06 -14.39 -30.43
N SER A 133 21.02 -13.33 -29.63
CA SER A 133 21.48 -13.36 -28.25
C SER A 133 20.45 -12.76 -27.30
N PRO A 134 20.31 -13.33 -26.08
CA PRO A 134 19.42 -12.69 -25.08
C PRO A 134 19.87 -11.27 -24.69
N ALA A 135 21.16 -10.98 -24.82
CA ALA A 135 21.71 -9.65 -24.51
C ALA A 135 21.56 -8.64 -25.63
N GLY A 136 21.01 -9.03 -26.78
CA GLY A 136 20.90 -8.15 -27.94
C GLY A 136 22.27 -7.94 -28.58
N PRO A 137 22.45 -6.89 -29.39
CA PRO A 137 21.40 -5.93 -29.75
C PRO A 137 20.37 -6.54 -30.70
N PHE A 138 19.25 -5.83 -30.88
CA PHE A 138 18.09 -6.33 -31.63
C PHE A 138 17.82 -5.47 -32.88
N LYS A 139 17.46 -6.12 -33.98
CA LYS A 139 17.04 -5.42 -35.21
C LYS A 139 15.53 -5.29 -35.24
N PRO A 140 14.99 -4.05 -35.20
CA PRO A 140 13.52 -3.89 -35.25
C PRO A 140 12.92 -4.23 -36.61
N GLU A 141 11.74 -4.83 -36.58
CA GLU A 141 10.92 -4.96 -37.78
C GLU A 141 10.49 -3.55 -38.21
N SER A 142 10.27 -3.37 -39.52
CA SER A 142 10.02 -2.02 -40.06
C SER A 142 8.65 -1.44 -39.69
N GLU A 143 7.68 -2.32 -39.43
CA GLU A 143 6.34 -1.93 -39.00
C GLU A 143 6.01 -2.60 -37.68
N PRO A 144 5.06 -2.03 -36.90
CA PRO A 144 4.62 -2.69 -35.67
C PRO A 144 3.83 -3.96 -35.96
N ILE A 145 3.53 -4.73 -34.92
CA ILE A 145 2.74 -5.96 -35.08
C ILE A 145 1.34 -5.59 -35.58
N LYS A 146 0.90 -6.25 -36.65
CA LYS A 146 -0.41 -5.96 -37.22
C LYS A 146 -1.50 -6.32 -36.22
N GLY A 147 -2.42 -5.39 -35.99
CA GLY A 147 -3.48 -5.57 -35.01
C GLY A 147 -3.10 -5.27 -33.57
N SER A 148 -1.86 -4.87 -33.31
CA SER A 148 -1.46 -4.43 -31.97
C SER A 148 -1.85 -2.97 -31.75
N TYR A 149 -1.91 -2.61 -30.47
CA TYR A 149 -2.23 -1.27 -30.03
C TYR A 149 -1.93 -1.20 -28.54
N SER A 150 -1.98 0.01 -27.99
CA SER A 150 -1.72 0.25 -26.58
C SER A 150 -0.32 -0.24 -26.17
N ILE A 151 -0.14 -0.63 -24.90
CA ILE A 151 1.21 -0.68 -24.31
C ILE A 151 1.50 -1.96 -23.51
N ASP A 152 2.68 -1.97 -22.88
CA ASP A 152 3.04 -2.95 -21.84
C ASP A 152 2.87 -4.42 -22.22
N PRO A 153 3.53 -4.87 -23.29
CA PRO A 153 3.46 -6.28 -23.62
C PRO A 153 4.11 -7.19 -22.59
N ALA A 154 3.53 -8.37 -22.40
CA ALA A 154 4.16 -9.47 -21.70
C ALA A 154 3.97 -10.67 -22.59
N VAL A 155 5.06 -11.27 -23.06
CA VAL A 155 4.99 -12.46 -23.90
C VAL A 155 5.34 -13.69 -23.06
N PHE A 156 4.34 -14.57 -22.91
CA PHE A 156 4.35 -15.67 -21.96
C PHE A 156 4.46 -16.98 -22.74
N LYS A 157 5.44 -17.81 -22.38
CA LYS A 157 5.57 -19.15 -22.94
C LYS A 157 4.93 -20.18 -22.02
N ASP A 158 3.85 -20.78 -22.48
CA ASP A 158 3.16 -21.82 -21.71
C ASP A 158 3.95 -23.14 -21.81
N ASP A 159 3.68 -24.07 -20.90
CA ASP A 159 4.40 -25.37 -20.85
C ASP A 159 4.15 -26.23 -22.09
N ASP A 160 3.07 -25.97 -22.82
CA ASP A 160 2.79 -26.68 -24.08
C ASP A 160 3.51 -26.10 -25.32
N GLY A 161 4.36 -25.08 -25.12
CA GLY A 161 5.12 -24.45 -26.20
C GLY A 161 4.41 -23.31 -26.91
N LYS A 162 3.18 -22.99 -26.52
CA LYS A 162 2.45 -21.88 -27.10
C LYS A 162 2.86 -20.59 -26.41
N TYR A 163 3.00 -19.53 -27.20
CA TYR A 163 3.39 -18.21 -26.71
C TYR A 163 2.22 -17.26 -26.87
N TYR A 164 1.98 -16.44 -25.84
CA TYR A 164 0.86 -15.50 -25.81
C TYR A 164 1.37 -14.11 -25.46
N MET A 165 0.88 -13.09 -26.15
CA MET A 165 1.15 -11.71 -25.74
C MET A 165 -0.04 -11.19 -24.96
N TYR A 166 0.23 -10.76 -23.73
CA TYR A 166 -0.71 -9.98 -22.93
C TYR A 166 -0.32 -8.53 -23.10
N PHE A 167 -1.30 -7.64 -23.24
CA PHE A 167 -0.98 -6.22 -23.39
C PHE A 167 -2.13 -5.29 -23.04
N GLY A 168 -1.80 -4.01 -22.95
CA GLY A 168 -2.77 -2.95 -22.71
C GLY A 168 -2.42 -2.04 -21.55
N GLY A 169 -2.89 -0.82 -21.64
CA GLY A 169 -2.85 0.15 -20.55
C GLY A 169 -3.85 1.24 -20.83
N ILE A 170 -4.59 1.65 -19.80
CA ILE A 170 -5.61 2.70 -19.93
C ILE A 170 -4.97 4.08 -19.69
N TRP A 171 -5.77 5.13 -19.69
CA TRP A 171 -5.30 6.50 -19.57
C TRP A 171 -4.27 6.79 -20.70
N GLY A 172 -3.02 7.11 -20.37
CA GLY A 172 -2.01 7.38 -21.39
C GLY A 172 -1.69 6.22 -22.31
N GLY A 173 -1.95 4.99 -21.86
CA GLY A 173 -1.75 3.82 -22.70
C GLY A 173 -2.77 3.63 -23.82
N GLN A 174 -3.87 4.40 -23.80
CA GLN A 174 -4.85 4.48 -24.91
C GLN A 174 -5.78 3.29 -25.10
N LEU A 175 -5.74 2.29 -24.22
CA LEU A 175 -6.57 1.08 -24.41
C LEU A 175 -8.06 1.41 -24.53
N GLN A 176 -8.51 2.39 -23.74
CA GLN A 176 -9.90 2.87 -23.77
C GLN A 176 -10.37 3.43 -25.13
N ARG A 177 -9.43 3.74 -26.01
CA ARG A 177 -9.73 4.21 -27.36
C ARG A 177 -9.79 3.09 -28.41
N TRP A 178 -9.79 1.82 -27.97
CA TRP A 178 -9.75 0.62 -28.84
C TRP A 178 -10.84 -0.40 -28.47
N THR A 179 -12.07 -0.04 -28.77
CA THR A 179 -13.22 -0.93 -28.54
C THR A 179 -13.86 -1.45 -29.84
N THR A 180 -13.60 -0.77 -30.97
CA THR A 180 -14.27 -1.05 -32.24
C THR A 180 -13.32 -1.63 -33.28
N GLY A 181 -12.08 -1.90 -32.89
CA GLY A 181 -11.03 -2.28 -33.85
C GLY A 181 -10.46 -1.10 -34.63
N GLU A 182 -10.81 0.12 -34.22
CA GLU A 182 -10.27 1.35 -34.81
C GLU A 182 -9.98 2.32 -33.68
N TYR A 183 -8.92 3.11 -33.84
CA TYR A 183 -8.57 4.12 -32.86
C TYR A 183 -9.65 5.20 -32.79
N ALA A 184 -10.15 5.46 -31.58
CA ALA A 184 -11.25 6.40 -31.39
C ALA A 184 -10.87 7.87 -31.60
N GLY A 185 -9.57 8.18 -31.54
CA GLY A 185 -9.04 9.51 -31.88
C GLY A 185 -8.43 10.27 -30.71
N HIS A 186 -7.70 11.34 -31.03
CA HIS A 186 -7.01 12.18 -30.02
C HIS A 186 -7.95 12.85 -29.02
N ASP A 187 -9.18 13.12 -29.45
CA ASP A 187 -10.20 13.75 -28.61
C ASP A 187 -11.12 12.74 -27.85
N ALA A 188 -10.83 11.44 -27.94
CA ALA A 188 -11.61 10.42 -27.24
C ALA A 188 -11.17 10.34 -25.76
N SER A 189 -11.77 9.42 -25.01
CA SER A 189 -11.52 9.34 -23.54
C SER A 189 -10.03 9.33 -23.20
N LYS A 190 -9.66 10.16 -22.24
CA LYS A 190 -8.30 10.18 -21.69
C LYS A 190 -8.13 9.23 -20.52
N THR A 191 -9.18 8.50 -20.12
CA THR A 191 -9.13 7.63 -18.95
C THR A 191 -9.63 6.23 -19.28
N ASP A 192 -10.95 6.02 -19.21
CA ASP A 192 -11.53 4.69 -19.36
C ASP A 192 -12.89 4.77 -20.10
N LEU A 193 -13.79 3.82 -19.89
CA LEU A 193 -15.12 3.88 -20.53
C LEU A 193 -16.03 4.99 -19.98
N GLU A 194 -15.67 5.55 -18.82
CA GLU A 194 -16.49 6.56 -18.15
C GLU A 194 -17.90 6.01 -17.89
N GLN A 195 -17.95 4.75 -17.47
CA GLN A 195 -19.19 4.10 -17.04
C GLN A 195 -18.82 3.16 -15.88
N ASP A 196 -18.78 3.75 -14.69
CA ASP A 196 -18.26 3.05 -13.50
C ASP A 196 -19.05 1.84 -13.06
N ASP A 197 -20.34 1.75 -13.42
CA ASP A 197 -21.14 0.55 -13.11
C ASP A 197 -21.12 -0.52 -14.21
N ALA A 198 -20.41 -0.28 -15.31
CA ALA A 198 -20.15 -1.31 -16.32
C ALA A 198 -18.86 -2.05 -15.95
N PRO A 199 -18.67 -3.27 -16.49
CA PRO A 199 -17.38 -3.95 -16.30
C PRO A 199 -16.21 -3.04 -16.71
N ALA A 200 -15.14 -3.09 -15.94
CA ALA A 200 -13.92 -2.37 -16.27
C ALA A 200 -13.34 -2.96 -17.56
N ILE A 201 -12.56 -2.14 -18.24
CA ILE A 201 -11.81 -2.60 -19.42
C ILE A 201 -10.82 -3.68 -18.96
N GLY A 202 -10.71 -4.73 -19.75
CA GLY A 202 -9.78 -5.80 -19.47
C GLY A 202 -8.55 -5.72 -20.34
N PRO A 203 -7.45 -6.36 -19.91
CA PRO A 203 -6.27 -6.45 -20.77
C PRO A 203 -6.53 -7.35 -21.98
N ARG A 204 -5.59 -7.30 -22.93
CA ARG A 204 -5.72 -8.01 -24.20
C ARG A 204 -4.78 -9.20 -24.26
N ILE A 205 -5.16 -10.21 -25.03
CA ILE A 205 -4.33 -11.40 -25.26
C ILE A 205 -4.43 -11.83 -26.71
N ALA A 206 -3.32 -12.29 -27.27
CA ALA A 206 -3.32 -13.02 -28.53
C ALA A 206 -2.23 -14.08 -28.55
N LEU A 207 -2.59 -15.28 -29.00
CA LEU A 207 -1.61 -16.29 -29.35
C LEU A 207 -0.67 -15.73 -30.41
N MET A 208 0.62 -15.95 -30.22
CA MET A 208 1.64 -15.54 -31.18
C MET A 208 1.75 -16.52 -32.34
N SER A 209 2.10 -15.98 -33.51
CA SER A 209 2.42 -16.78 -34.68
C SER A 209 3.67 -17.63 -34.42
N ASP A 210 3.83 -18.68 -35.21
CA ASP A 210 5.00 -19.56 -35.07
C ASP A 210 6.33 -18.78 -35.19
N ASP A 211 6.38 -17.78 -36.06
CA ASP A 211 7.60 -16.98 -36.27
C ASP A 211 7.75 -15.81 -35.30
N MET A 212 6.80 -15.63 -34.37
CA MET A 212 6.92 -14.66 -33.28
C MET A 212 6.85 -13.18 -33.72
N LEU A 213 6.47 -12.92 -34.97
CA LEU A 213 6.39 -11.56 -35.50
C LEU A 213 4.95 -11.04 -35.62
N SER A 214 3.96 -11.91 -35.40
CA SER A 214 2.57 -11.51 -35.60
C SER A 214 1.66 -12.28 -34.65
N PHE A 215 0.41 -11.86 -34.60
CA PHE A 215 -0.62 -12.57 -33.84
C PHE A 215 -1.24 -13.66 -34.71
N ALA A 216 -1.56 -14.79 -34.08
CA ALA A 216 -2.11 -15.97 -34.75
C ALA A 216 -3.64 -16.01 -34.72
N GLU A 217 -4.27 -15.03 -34.08
CA GLU A 217 -5.73 -14.98 -33.94
C GLU A 217 -6.16 -13.54 -33.75
N PRO A 218 -7.46 -13.27 -33.90
CA PRO A 218 -7.95 -11.96 -33.48
C PRO A 218 -7.72 -11.73 -31.99
N VAL A 219 -7.35 -10.50 -31.65
CA VAL A 219 -7.06 -10.14 -30.26
C VAL A 219 -8.33 -10.33 -29.42
N LYS A 220 -8.17 -10.88 -28.22
CA LYS A 220 -9.26 -11.12 -27.28
C LYS A 220 -9.10 -10.23 -26.05
N GLU A 221 -10.21 -9.91 -25.40
CA GLU A 221 -10.17 -9.20 -24.11
C GLU A 221 -10.32 -10.22 -23.00
N ILE A 222 -9.58 -10.00 -21.90
CA ILE A 222 -9.60 -10.89 -20.75
C ILE A 222 -10.61 -10.36 -19.74
N SER A 223 -11.46 -11.26 -19.23
CA SER A 223 -12.43 -10.93 -18.17
C SER A 223 -11.78 -11.15 -16.82
N ILE A 224 -11.88 -10.16 -15.96
CA ILE A 224 -11.45 -10.28 -14.58
C ILE A 224 -12.69 -10.13 -13.70
N VAL A 225 -12.88 -11.09 -12.81
CA VAL A 225 -14.06 -11.16 -11.95
C VAL A 225 -13.66 -11.18 -10.49
N ASP A 226 -14.62 -10.84 -9.64
CA ASP A 226 -14.43 -10.94 -8.19
C ASP A 226 -14.67 -12.39 -7.74
N GLU A 227 -14.60 -12.60 -6.44
CA GLU A 227 -14.67 -13.92 -5.85
C GLU A 227 -16.05 -14.60 -6.03
N GLN A 228 -17.08 -13.78 -6.26
CA GLN A 228 -18.44 -14.22 -6.56
C GLN A 228 -18.70 -14.47 -8.06
N GLY A 229 -17.73 -14.18 -8.92
CA GLY A 229 -17.90 -14.30 -10.37
C GLY A 229 -18.45 -13.07 -11.07
N ASN A 230 -18.60 -11.95 -10.35
CA ASN A 230 -19.09 -10.72 -10.94
C ASN A 230 -17.93 -9.95 -11.59
N PRO A 231 -18.15 -9.36 -12.77
CA PRO A 231 -17.08 -8.55 -13.35
C PRO A 231 -16.58 -7.46 -12.41
N ILE A 232 -15.27 -7.25 -12.37
CA ILE A 232 -14.71 -6.08 -11.70
C ILE A 232 -15.19 -4.85 -12.48
N LEU A 233 -15.74 -3.88 -11.77
CA LEU A 233 -16.40 -2.74 -12.39
C LEU A 233 -15.42 -1.60 -12.60
N GLY A 234 -15.73 -0.74 -13.57
CA GLY A 234 -14.93 0.45 -13.86
C GLY A 234 -14.66 1.36 -12.68
N GLY A 235 -15.64 1.50 -11.78
CA GLY A 235 -15.44 2.31 -10.57
C GLY A 235 -14.55 1.71 -9.47
N ASP A 236 -14.18 0.44 -9.61
CA ASP A 236 -13.43 -0.29 -8.58
C ASP A 236 -11.93 -0.13 -8.86
N HIS A 237 -11.41 1.06 -8.61
CA HIS A 237 -10.01 1.37 -8.97
C HIS A 237 -8.98 0.61 -8.14
N ASP A 238 -9.35 0.12 -6.96
CA ASP A 238 -8.45 -0.72 -6.16
C ASP A 238 -8.12 -2.06 -6.82
N ARG A 239 -9.01 -2.56 -7.68
CA ARG A 239 -8.89 -3.91 -8.25
C ARG A 239 -8.84 -3.99 -9.78
N ARG A 240 -9.35 -2.97 -10.48
CA ARG A 240 -9.47 -3.06 -11.94
C ARG A 240 -8.15 -2.82 -12.65
N PHE A 241 -8.01 -3.46 -13.80
CA PHE A 241 -6.80 -3.37 -14.63
C PHE A 241 -6.46 -1.95 -15.05
N PHE A 242 -5.20 -1.54 -14.84
CA PHE A 242 -4.71 -0.28 -15.38
C PHE A 242 -3.63 -0.49 -16.44
N GLU A 243 -2.56 -1.21 -16.06
CA GLU A 243 -1.42 -1.42 -16.97
C GLU A 243 -0.53 -2.56 -16.42
N ALA A 244 0.57 -2.84 -17.12
CA ALA A 244 1.63 -3.72 -16.62
C ALA A 244 1.20 -5.19 -16.46
N ALA A 245 0.41 -5.70 -17.40
CA ALA A 245 0.02 -7.13 -17.33
C ALA A 245 1.24 -8.05 -17.32
N TRP A 246 1.16 -9.12 -16.53
CA TRP A 246 2.18 -10.15 -16.48
C TRP A 246 1.49 -11.49 -16.24
N MET A 247 2.01 -12.54 -16.86
CA MET A 247 1.48 -13.89 -16.72
C MET A 247 2.56 -14.82 -16.21
N HIS A 248 2.26 -15.59 -15.17
CA HIS A 248 3.12 -16.72 -14.78
C HIS A 248 2.24 -17.87 -14.34
N LYS A 249 2.83 -19.06 -14.33
CA LYS A 249 2.10 -20.27 -14.01
C LYS A 249 2.73 -20.94 -12.79
N TYR A 250 1.91 -21.43 -11.88
CA TYR A 250 2.39 -22.10 -10.67
C TYR A 250 1.42 -23.23 -10.32
N ASN A 251 1.94 -24.46 -10.28
CA ASN A 251 1.15 -25.62 -9.84
C ASN A 251 -0.18 -25.71 -10.61
N GLY A 252 -0.10 -25.55 -11.93
CA GLY A 252 -1.27 -25.68 -12.82
C GLY A 252 -2.20 -24.48 -12.93
N THR A 253 -1.95 -23.43 -12.18
CA THR A 253 -2.80 -22.25 -12.17
C THR A 253 -2.09 -21.10 -12.88
N TYR A 254 -2.87 -20.34 -13.64
CA TYR A 254 -2.40 -19.17 -14.38
C TYR A 254 -2.64 -17.93 -13.54
N TYR A 255 -1.60 -17.11 -13.39
CA TYR A 255 -1.62 -15.91 -12.56
C TYR A 255 -1.49 -14.66 -13.43
N LEU A 256 -2.58 -13.92 -13.56
CA LEU A 256 -2.56 -12.62 -14.22
C LEU A 256 -2.29 -11.59 -13.15
N SER A 257 -1.14 -10.94 -13.22
CA SER A 257 -0.86 -9.84 -12.31
C SER A 257 -0.73 -8.54 -13.12
N TYR A 258 -0.95 -7.43 -12.44
CA TYR A 258 -1.05 -6.13 -13.11
C TYR A 258 -1.06 -4.97 -12.14
N SER A 259 -0.76 -3.78 -12.66
CA SER A 259 -0.85 -2.54 -11.91
C SER A 259 -2.25 -1.96 -11.98
N THR A 260 -2.71 -1.40 -10.86
CA THR A 260 -4.01 -0.71 -10.77
C THR A 260 -3.89 0.81 -10.96
N GLY A 261 -2.67 1.31 -11.22
CA GLY A 261 -2.48 2.68 -11.68
C GLY A 261 -2.69 3.74 -10.63
N ASP A 262 -3.85 4.40 -10.68
CA ASP A 262 -4.13 5.50 -9.73
C ASP A 262 -4.28 5.05 -8.28
N THR A 263 -4.44 3.76 -8.03
CA THR A 263 -4.41 3.21 -6.68
C THR A 263 -3.09 2.49 -6.31
N HIS A 264 -2.19 2.36 -7.29
CA HIS A 264 -0.75 2.09 -7.04
C HIS A 264 -0.39 0.69 -6.53
N TYR A 265 -1.26 -0.29 -6.78
CA TYR A 265 -1.01 -1.68 -6.38
C TYR A 265 -0.59 -2.53 -7.57
N ILE A 266 0.24 -3.52 -7.30
CA ILE A 266 0.30 -4.71 -8.14
C ILE A 266 -0.62 -5.72 -7.47
N VAL A 267 -1.60 -6.20 -8.24
CA VAL A 267 -2.54 -7.20 -7.75
C VAL A 267 -2.46 -8.43 -8.64
N TYR A 268 -3.12 -9.51 -8.22
CA TYR A 268 -3.18 -10.71 -9.04
C TYR A 268 -4.54 -11.38 -9.01
N ALA A 269 -4.79 -12.11 -10.08
CA ALA A 269 -6.02 -12.86 -10.28
C ALA A 269 -5.65 -14.20 -10.90
N THR A 270 -6.38 -15.26 -10.56
CA THR A 270 -6.04 -16.62 -10.97
C THR A 270 -7.09 -17.24 -11.90
N GLY A 271 -6.61 -18.08 -12.82
CA GLY A 271 -7.50 -18.78 -13.75
C GLY A 271 -6.91 -20.12 -14.18
N ASP A 272 -7.67 -20.85 -14.99
CA ASP A 272 -7.28 -22.21 -15.36
C ASP A 272 -6.74 -22.36 -16.78
N ASN A 273 -6.63 -21.25 -17.49
CA ASN A 273 -6.12 -21.25 -18.87
C ASN A 273 -5.63 -19.84 -19.23
N PRO A 274 -4.86 -19.72 -20.33
CA PRO A 274 -4.29 -18.39 -20.67
C PRO A 274 -5.31 -17.25 -20.85
N TYR A 275 -6.50 -17.57 -21.33
CA TYR A 275 -7.48 -16.56 -21.68
C TYR A 275 -8.38 -16.14 -20.54
N GLY A 276 -8.28 -16.83 -19.39
CA GLY A 276 -9.16 -16.57 -18.26
C GLY A 276 -10.55 -17.15 -18.49
N PRO A 277 -11.57 -16.64 -17.80
CA PRO A 277 -11.49 -15.50 -16.89
C PRO A 277 -10.60 -15.70 -15.67
N PHE A 278 -10.16 -14.58 -15.09
CA PHE A 278 -9.31 -14.59 -13.89
C PHE A 278 -10.07 -14.02 -12.72
N THR A 279 -9.96 -14.70 -11.57
CA THR A 279 -10.66 -14.29 -10.35
C THR A 279 -9.68 -13.50 -9.50
N TYR A 280 -10.03 -12.24 -9.21
CA TYR A 280 -9.23 -11.39 -8.34
C TYR A 280 -8.95 -12.08 -7.00
N ARG A 281 -7.69 -12.11 -6.58
CA ARG A 281 -7.29 -12.75 -5.31
C ARG A 281 -6.77 -11.77 -4.27
N GLY A 282 -5.85 -10.89 -4.65
CA GLY A 282 -5.30 -9.93 -3.69
C GLY A 282 -4.12 -9.16 -4.22
N VAL A 283 -3.41 -8.52 -3.28
CA VAL A 283 -2.30 -7.63 -3.60
C VAL A 283 -0.98 -8.42 -3.62
N ILE A 284 -0.18 -8.18 -4.66
CA ILE A 284 1.20 -8.66 -4.76
C ILE A 284 2.15 -7.67 -4.10
N LEU A 285 2.04 -6.41 -4.49
CA LEU A 285 2.96 -5.36 -4.05
C LEU A 285 2.20 -4.10 -3.72
N ASN A 286 2.38 -3.63 -2.50
CA ASN A 286 1.80 -2.36 -2.07
C ASN A 286 2.50 -1.15 -2.71
N PRO A 287 1.91 0.04 -2.58
CA PRO A 287 2.47 1.19 -3.29
C PRO A 287 3.91 1.55 -2.92
N VAL A 288 4.65 2.00 -3.94
CA VAL A 288 6.06 2.32 -3.80
C VAL A 288 6.24 3.84 -3.79
N ILE A 289 7.49 4.27 -3.68
CA ILE A 289 7.87 5.66 -3.87
C ILE A 289 7.71 5.96 -5.36
N GLY A 290 6.96 7.01 -5.68
CA GLY A 290 6.69 7.40 -7.06
C GLY A 290 5.35 6.84 -7.53
N TRP A 291 4.75 7.48 -8.53
CA TRP A 291 3.38 7.16 -8.94
C TRP A 291 3.22 5.74 -9.52
N THR A 292 4.14 5.33 -10.40
CA THR A 292 3.99 4.07 -11.11
C THR A 292 4.41 2.87 -10.27
N ASN A 293 3.88 1.71 -10.64
CA ASN A 293 4.23 0.46 -9.98
C ASN A 293 4.24 -0.56 -11.12
N HIS A 294 5.36 -1.25 -11.32
CA HIS A 294 5.51 -2.14 -12.48
C HIS A 294 6.50 -3.26 -12.16
N HIS A 295 6.20 -4.46 -12.62
CA HIS A 295 6.83 -5.65 -12.06
C HIS A 295 6.97 -6.80 -13.05
N SER A 296 7.70 -7.82 -12.62
CA SER A 296 7.58 -9.16 -13.21
C SER A 296 7.83 -10.20 -12.13
N ILE A 297 7.39 -11.42 -12.40
CA ILE A 297 7.48 -12.54 -11.47
C ILE A 297 8.15 -13.69 -12.20
N VAL A 298 9.25 -14.20 -11.64
CA VAL A 298 10.09 -15.19 -12.32
C VAL A 298 10.68 -16.22 -11.36
N GLU A 299 10.74 -17.48 -11.81
CA GLU A 299 11.38 -18.54 -11.03
C GLU A 299 12.82 -18.71 -11.50
N PHE A 300 13.75 -18.75 -10.55
CA PHE A 300 15.18 -18.88 -10.84
C PHE A 300 15.81 -19.71 -9.75
N ASN A 301 16.47 -20.81 -10.14
CA ASN A 301 17.04 -21.76 -9.19
C ASN A 301 16.06 -22.26 -8.13
N GLY A 302 14.80 -22.43 -8.52
CA GLY A 302 13.79 -22.95 -7.61
C GLY A 302 13.22 -21.95 -6.61
N LYS A 303 13.61 -20.68 -6.72
CA LYS A 303 12.99 -19.60 -5.94
C LYS A 303 12.22 -18.68 -6.86
N TRP A 304 11.12 -18.12 -6.36
CA TRP A 304 10.35 -17.11 -7.09
C TRP A 304 10.76 -15.71 -6.65
N TYR A 305 10.86 -14.81 -7.61
CA TYR A 305 11.27 -13.43 -7.39
C TYR A 305 10.29 -12.46 -7.99
N LEU A 306 10.07 -11.35 -7.28
CA LEU A 306 9.36 -10.18 -7.78
C LEU A 306 10.39 -9.12 -8.11
N PHE A 307 10.51 -8.79 -9.40
CA PHE A 307 11.24 -7.62 -9.85
C PHE A 307 10.24 -6.47 -9.93
N TYR A 308 10.65 -5.28 -9.47
CA TYR A 308 9.77 -4.12 -9.44
C TYR A 308 10.63 -2.87 -9.52
N HIS A 309 10.02 -1.70 -9.40
CA HIS A 309 10.78 -0.45 -9.36
C HIS A 309 10.24 0.53 -8.34
N ASP A 310 11.02 1.58 -8.09
CA ASP A 310 10.51 2.75 -7.41
C ASP A 310 11.31 3.99 -7.81
N SER A 311 10.93 5.13 -7.25
CA SER A 311 11.62 6.41 -7.51
C SER A 311 12.55 6.82 -6.36
N SER A 312 13.10 5.85 -5.63
CA SER A 312 13.94 6.13 -4.48
C SER A 312 15.28 6.78 -4.85
N LEU A 313 15.94 6.23 -5.88
CA LEU A 313 17.26 6.72 -6.29
C LEU A 313 17.24 8.19 -6.73
N SER A 314 16.15 8.60 -7.41
CA SER A 314 16.02 9.98 -7.89
C SER A 314 15.48 10.96 -6.84
N GLY A 315 15.27 10.52 -5.60
CA GLY A 315 14.66 11.35 -4.57
C GLY A 315 13.17 11.58 -4.77
N GLY A 316 12.49 10.64 -5.43
CA GLY A 316 11.04 10.67 -5.56
C GLY A 316 10.46 11.18 -6.88
N LYS A 317 11.28 11.30 -7.92
CA LYS A 317 10.79 11.74 -9.23
C LYS A 317 10.13 10.56 -9.94
N THR A 318 8.84 10.71 -10.26
CA THR A 318 8.02 9.63 -10.83
C THR A 318 8.62 9.05 -12.11
N HIS A 319 9.21 9.89 -12.95
CA HIS A 319 9.79 9.47 -14.23
C HIS A 319 11.27 9.04 -14.20
N LEU A 320 11.89 9.00 -13.02
CA LEU A 320 13.29 8.55 -12.89
C LEU A 320 13.34 7.44 -11.85
N ARG A 321 13.29 6.20 -12.32
CA ARG A 321 13.06 5.07 -11.45
C ARG A 321 14.30 4.21 -11.35
N CYS A 322 14.26 3.24 -10.44
CA CYS A 322 15.30 2.23 -10.34
C CYS A 322 14.66 0.87 -10.03
N ILE A 323 15.14 -0.17 -10.71
CA ILE A 323 14.61 -1.50 -10.48
C ILE A 323 15.20 -2.13 -9.22
N LYS A 324 14.38 -2.98 -8.59
CA LYS A 324 14.70 -3.71 -7.37
C LYS A 324 14.17 -5.13 -7.50
N VAL A 325 14.59 -6.00 -6.58
CA VAL A 325 14.12 -7.38 -6.56
C VAL A 325 13.93 -7.86 -5.12
N THR A 326 12.95 -8.73 -4.93
CA THR A 326 12.76 -9.39 -3.64
C THR A 326 12.17 -10.78 -3.87
N GLU A 327 12.33 -11.66 -2.89
CA GLU A 327 11.74 -13.00 -2.98
C GLU A 327 10.22 -12.94 -2.84
N LEU A 328 9.54 -13.73 -3.66
CA LEU A 328 8.07 -13.83 -3.64
C LEU A 328 7.69 -15.22 -3.16
N THR A 329 6.69 -15.30 -2.28
CA THR A 329 6.28 -16.57 -1.66
C THR A 329 4.85 -16.98 -2.08
N HIS A 330 4.75 -18.08 -2.83
CA HIS A 330 3.48 -18.77 -3.05
C HIS A 330 3.25 -19.69 -1.88
N ASN A 331 2.00 -19.75 -1.41
CA ASN A 331 1.56 -20.82 -0.53
C ASN A 331 1.09 -21.97 -1.39
N ALA A 332 1.01 -23.16 -0.83
CA ALA A 332 0.64 -24.34 -1.60
C ALA A 332 -0.81 -24.32 -2.06
N ASP A 333 -1.65 -23.51 -1.41
CA ASP A 333 -3.04 -23.29 -1.85
C ASP A 333 -3.18 -22.30 -3.02
N GLY A 334 -2.07 -21.81 -3.56
CA GLY A 334 -2.08 -20.93 -4.71
C GLY A 334 -2.05 -19.44 -4.37
N THR A 335 -2.28 -19.08 -3.11
CA THR A 335 -2.22 -17.68 -2.70
C THR A 335 -0.78 -17.22 -2.62
N ILE A 336 -0.59 -15.92 -2.79
CA ILE A 336 0.75 -15.30 -2.73
C ILE A 336 0.75 -14.32 -1.57
N GLU A 337 1.84 -14.31 -0.80
CA GLU A 337 2.01 -13.38 0.32
C GLU A 337 2.24 -11.98 -0.22
N THR A 338 1.49 -11.01 0.30
CA THR A 338 1.63 -9.62 -0.13
C THR A 338 2.96 -9.05 0.35
N ILE A 339 3.65 -8.35 -0.55
CA ILE A 339 4.90 -7.69 -0.21
C ILE A 339 4.64 -6.21 0.01
N SER A 340 5.15 -5.67 1.11
CA SER A 340 5.15 -4.23 1.34
C SER A 340 6.60 -3.78 1.17
N PRO A 341 6.84 -2.77 0.31
CA PRO A 341 8.21 -2.49 -0.14
C PRO A 341 9.21 -1.97 0.91
N TYR A 342 8.74 -1.33 1.99
CA TYR A 342 9.67 -0.63 2.90
C TYR A 342 9.52 -1.05 4.37
N ILE A 343 9.31 -2.34 4.61
CA ILE A 343 9.06 -2.81 5.97
C ILE A 343 10.28 -3.51 6.60
N GLU A 344 10.80 -4.56 5.98
CA GLU A 344 12.07 -5.16 6.44
C GLU A 344 13.25 -4.38 5.85
N HIS B 20 5.41 19.62 2.96
CA HIS B 20 5.17 18.53 1.96
C HIS B 20 5.61 17.17 2.50
N MET B 21 4.98 16.76 3.61
CA MET B 21 5.20 15.45 4.23
C MET B 21 6.65 15.17 4.66
N GLU B 22 7.33 16.20 5.15
CA GLU B 22 8.59 16.03 5.90
C GLU B 22 8.19 15.65 7.33
N PRO B 23 9.11 15.05 8.12
CA PRO B 23 8.78 14.81 9.53
C PRO B 23 8.49 16.11 10.27
N LEU B 24 7.42 16.13 11.06
CA LEU B 24 7.03 17.32 11.82
C LEU B 24 8.01 17.63 12.95
N VAL B 25 8.62 16.58 13.48
CA VAL B 25 9.55 16.65 14.60
C VAL B 25 10.80 15.91 14.19
N THR B 26 11.99 16.51 14.41
CA THR B 26 13.26 15.85 14.08
C THR B 26 14.26 15.70 15.23
N HIS B 27 13.92 16.20 16.41
CA HIS B 27 14.83 16.18 17.58
C HIS B 27 14.58 15.00 18.53
N ILE B 28 13.40 14.38 18.42
CA ILE B 28 13.08 13.12 19.12
C ILE B 28 12.29 12.26 18.14
N TYR B 29 12.21 10.97 18.42
CA TYR B 29 11.37 10.07 17.63
C TYR B 29 9.95 10.10 18.19
N THR B 30 8.96 10.16 17.31
CA THR B 30 7.55 10.29 17.70
C THR B 30 6.69 9.34 16.87
N ALA B 31 5.57 8.90 17.46
CA ALA B 31 4.68 7.93 16.82
C ALA B 31 3.24 8.11 17.28
N ASP B 32 2.33 7.43 16.59
CA ASP B 32 0.95 7.28 17.03
C ASP B 32 0.25 8.62 17.31
N PRO B 33 0.32 9.57 16.36
CA PRO B 33 -0.15 10.92 16.66
C PRO B 33 -1.66 11.03 16.84
N SER B 34 -2.10 11.53 18.00
CA SER B 34 -3.51 11.91 18.23
C SER B 34 -3.65 13.43 18.25
N ALA B 35 -4.23 13.99 17.20
CA ALA B 35 -4.34 15.43 17.01
C ALA B 35 -5.71 15.95 17.44
N HIS B 36 -5.71 17.05 18.19
CA HIS B 36 -6.95 17.72 18.64
C HIS B 36 -6.82 19.22 18.46
N VAL B 37 -7.97 19.89 18.31
CA VAL B 37 -8.01 21.35 18.31
C VAL B 37 -8.48 21.79 19.69
N PHE B 38 -7.56 22.32 20.49
CA PHE B 38 -7.83 22.91 21.80
C PHE B 38 -7.33 24.36 21.78
N ASP B 39 -8.12 25.29 22.33
CA ASP B 39 -7.75 26.72 22.39
C ASP B 39 -7.34 27.32 21.02
N GLY B 40 -8.02 26.89 19.96
CA GLY B 40 -7.71 27.34 18.60
C GLY B 40 -6.37 26.91 18.01
N LYS B 41 -5.66 25.98 18.67
CA LYS B 41 -4.39 25.43 18.17
C LYS B 41 -4.55 23.93 17.98
N VAL B 42 -3.65 23.33 17.22
CA VAL B 42 -3.60 21.87 17.10
C VAL B 42 -2.65 21.34 18.16
N TYR B 43 -3.16 20.50 19.07
CA TYR B 43 -2.32 19.80 20.03
C TYR B 43 -2.21 18.35 19.58
N ILE B 44 -0.99 17.82 19.64
CA ILE B 44 -0.73 16.45 19.21
C ILE B 44 -0.20 15.67 20.39
N TYR B 45 -0.76 14.48 20.59
CA TYR B 45 -0.41 13.57 21.68
C TYR B 45 0.11 12.29 21.06
N PRO B 46 1.44 12.20 20.84
CA PRO B 46 2.06 11.02 20.28
C PRO B 46 2.82 10.22 21.31
N SER B 47 3.17 8.98 20.95
CA SER B 47 4.17 8.22 21.71
C SER B 47 5.53 8.85 21.48
N HIS B 48 6.41 8.69 22.47
CA HIS B 48 7.79 9.16 22.39
C HIS B 48 8.70 7.93 22.28
N ASP B 49 9.11 7.62 21.06
CA ASP B 49 9.92 6.44 20.80
C ASP B 49 11.33 6.63 21.33
N ILE B 50 11.91 5.58 21.87
CA ILE B 50 13.29 5.59 22.33
C ILE B 50 13.97 4.29 21.93
N ASP B 51 15.28 4.35 21.79
CA ASP B 51 16.05 3.19 21.34
C ASP B 51 16.45 2.39 22.57
N ALA B 52 15.49 1.64 23.11
CA ALA B 52 15.70 0.89 24.35
C ALA B 52 16.61 -0.32 24.19
N GLY B 53 16.74 -0.83 22.96
CA GLY B 53 17.59 -1.98 22.67
C GLY B 53 16.94 -3.35 22.89
N THR B 54 15.68 -3.36 23.33
CA THR B 54 14.94 -4.61 23.55
C THR B 54 14.60 -5.24 22.20
N PRO B 55 14.57 -6.58 22.13
CA PRO B 55 14.56 -7.27 20.83
C PRO B 55 13.19 -7.26 20.15
N GLU B 56 13.19 -7.18 18.81
CA GLU B 56 11.94 -7.16 18.04
C GLU B 56 11.28 -8.54 18.03
N ASN B 57 10.05 -8.60 18.55
CA ASN B 57 9.24 -9.82 18.52
C ASN B 57 7.76 -9.51 18.28
N ASP B 58 6.98 -10.57 18.08
CA ASP B 58 5.55 -10.44 17.79
C ASP B 58 4.70 -9.81 18.89
N MET B 59 5.17 -9.82 20.14
CA MET B 59 4.43 -9.17 21.23
C MET B 59 4.83 -7.70 21.47
N GLY B 60 5.77 -7.18 20.68
CA GLY B 60 6.09 -5.75 20.68
C GLY B 60 7.02 -5.29 21.79
N ASP B 61 7.91 -6.16 22.25
CA ASP B 61 8.88 -5.80 23.31
C ASP B 61 9.82 -4.67 22.91
N HIS B 62 10.12 -4.59 21.62
CA HIS B 62 10.89 -3.47 21.03
C HIS B 62 10.30 -2.07 21.23
N PHE B 63 9.00 -1.96 21.48
CA PHE B 63 8.36 -0.68 21.84
C PHE B 63 8.36 -0.52 23.36
N ASP B 64 9.36 0.17 23.89
CA ASP B 64 9.56 0.26 25.34
C ASP B 64 9.54 1.72 25.82
N MET B 65 8.56 2.47 25.34
CA MET B 65 8.49 3.91 25.62
C MET B 65 8.19 4.18 27.11
N ARG B 66 8.68 5.30 27.61
CA ARG B 66 8.62 5.64 29.04
C ARG B 66 7.99 6.99 29.39
N ASP B 67 7.72 7.84 28.41
CA ASP B 67 7.07 9.12 28.67
C ASP B 67 6.30 9.65 27.47
N TYR B 68 5.58 10.75 27.67
CA TYR B 68 4.92 11.48 26.58
C TYR B 68 5.32 12.95 26.62
N HIS B 69 5.58 13.50 25.43
CA HIS B 69 5.67 14.95 25.19
C HIS B 69 4.44 15.37 24.40
N VAL B 70 3.84 16.49 24.79
CA VAL B 70 2.76 17.07 24.01
C VAL B 70 3.36 18.08 23.04
N LEU B 71 2.85 18.07 21.81
CA LEU B 71 3.30 18.97 20.75
C LEU B 71 2.15 19.89 20.37
N SER B 72 2.47 21.05 19.78
CA SER B 72 1.41 21.91 19.23
C SER B 72 1.84 22.70 18.01
N MET B 73 0.86 23.07 17.20
CA MET B 73 1.04 23.90 16.01
C MET B 73 -0.08 24.94 16.00
N ASN B 74 0.26 26.17 15.60
CA ASN B 74 -0.74 27.25 15.43
C ASN B 74 -1.36 27.24 14.04
N SER B 75 -0.65 26.64 13.08
CA SER B 75 -1.13 26.48 11.72
C SER B 75 -0.54 25.20 11.11
N ILE B 76 -1.20 24.70 10.07
CA ILE B 76 -0.68 23.59 9.27
C ILE B 76 -0.58 24.09 7.80
N PRO B 77 0.61 24.14 7.22
CA PRO B 77 1.89 23.84 7.87
C PRO B 77 2.26 24.89 8.91
N GLY B 78 3.20 24.56 9.78
CA GLY B 78 3.66 25.50 10.80
C GLY B 78 4.72 24.94 11.70
N GLU B 79 5.32 25.81 12.50
CA GLU B 79 6.30 25.42 13.50
C GLU B 79 5.63 24.53 14.53
N VAL B 80 6.32 23.46 14.91
CA VAL B 80 5.80 22.52 15.90
C VAL B 80 6.56 22.76 17.19
N THR B 81 5.81 23.04 18.26
CA THR B 81 6.40 23.27 19.58
C THR B 81 6.31 22.01 20.41
N ASP B 82 7.43 21.65 21.03
CA ASP B 82 7.50 20.56 21.99
C ASP B 82 7.37 21.19 23.37
N HIS B 83 6.36 20.79 24.13
CA HIS B 83 6.13 21.36 25.47
C HIS B 83 6.84 20.59 26.58
N GLY B 84 7.76 19.69 26.23
CA GLY B 84 8.52 18.92 27.21
C GLY B 84 7.77 17.69 27.67
N VAL B 85 8.27 17.07 28.74
CA VAL B 85 7.64 15.86 29.28
C VAL B 85 6.33 16.24 29.96
N ALA B 86 5.23 15.64 29.50
CA ALA B 86 3.90 15.80 30.08
C ALA B 86 3.55 14.72 31.12
N LEU B 87 4.15 13.54 30.97
CA LEU B 87 3.91 12.41 31.87
C LEU B 87 5.03 11.39 31.71
N ASP B 88 5.52 10.89 32.84
CA ASP B 88 6.61 9.91 32.87
C ASP B 88 6.10 8.66 33.57
N ILE B 89 6.44 7.50 33.03
CA ILE B 89 6.00 6.22 33.62
C ILE B 89 6.42 6.07 35.09
N LYS B 90 7.52 6.69 35.49
CA LYS B 90 7.98 6.63 36.88
C LYS B 90 7.00 7.27 37.87
N ASP B 91 6.13 8.15 37.39
CA ASP B 91 5.10 8.81 38.20
C ASP B 91 3.72 8.13 38.16
N ILE B 92 3.57 7.06 37.38
CA ILE B 92 2.30 6.34 37.25
C ILE B 92 2.36 5.11 38.17
N PRO B 93 1.67 5.17 39.35
CA PRO B 93 1.86 4.10 40.34
C PRO B 93 1.57 2.67 39.87
N TRP B 94 0.53 2.50 39.07
CA TRP B 94 0.10 1.18 38.61
C TRP B 94 0.91 0.62 37.43
N ALA B 95 1.63 1.48 36.71
CA ALA B 95 2.26 1.10 35.45
C ALA B 95 3.62 0.44 35.68
N GLY B 96 3.86 -0.68 35.00
CA GLY B 96 5.15 -1.37 35.04
C GLY B 96 6.05 -0.98 33.88
N ARG B 97 5.49 -1.01 32.67
CA ARG B 97 6.26 -0.69 31.47
C ARG B 97 5.36 -0.37 30.28
N GLN B 98 5.99 0.18 29.25
CA GLN B 98 5.43 0.33 27.90
C GLN B 98 4.27 1.33 27.79
N LEU B 99 4.64 2.60 27.73
CA LEU B 99 3.68 3.69 27.49
C LEU B 99 3.40 3.80 26.00
N TRP B 100 2.29 3.22 25.57
CA TRP B 100 1.99 3.07 24.16
C TRP B 100 1.03 4.19 23.69
N ALA B 101 0.44 4.04 22.51
CA ALA B 101 -0.31 5.10 21.81
C ALA B 101 -1.36 5.85 22.66
N PRO B 102 -1.15 7.14 22.95
CA PRO B 102 -2.07 7.88 23.82
C PRO B 102 -3.13 8.68 23.08
N ASP B 103 -4.04 9.28 23.84
CA ASP B 103 -4.96 10.28 23.32
C ASP B 103 -5.28 11.28 24.42
N ALA B 104 -5.97 12.37 24.08
CA ALA B 104 -6.41 13.34 25.08
C ALA B 104 -7.81 13.84 24.80
N ALA B 105 -8.46 14.35 25.84
CA ALA B 105 -9.75 15.03 25.73
C ALA B 105 -9.79 16.22 26.66
N SER B 106 -10.71 17.13 26.34
CA SER B 106 -10.92 18.35 27.11
C SER B 106 -12.38 18.40 27.54
N LYS B 107 -12.63 18.68 28.81
CA LYS B 107 -13.98 18.90 29.31
C LYS B 107 -13.98 19.86 30.49
N ASP B 108 -14.86 20.86 30.44
CA ASP B 108 -15.07 21.80 31.56
C ASP B 108 -13.76 22.41 32.09
N GLY B 109 -12.92 22.85 31.16
CA GLY B 109 -11.65 23.48 31.49
C GLY B 109 -10.49 22.59 31.89
N LYS B 110 -10.70 21.27 31.96
CA LYS B 110 -9.64 20.33 32.33
C LYS B 110 -9.28 19.46 31.13
N TYR B 111 -8.07 18.93 31.17
CA TYR B 111 -7.52 18.13 30.09
C TYR B 111 -7.14 16.77 30.63
N TYR B 112 -7.49 15.73 29.87
CA TYR B 112 -7.35 14.34 30.30
C TYR B 112 -6.50 13.60 29.29
N LEU B 113 -5.38 13.06 29.74
CA LEU B 113 -4.49 12.25 28.89
C LEU B 113 -4.80 10.79 29.16
N TYR B 114 -5.23 10.08 28.11
CA TYR B 114 -5.54 8.65 28.20
C TYR B 114 -4.40 7.86 27.59
N PHE B 115 -3.93 6.84 28.30
CA PHE B 115 -2.72 6.12 27.87
C PHE B 115 -2.81 4.65 28.21
N PRO B 116 -2.33 3.79 27.29
CA PRO B 116 -2.21 2.37 27.54
C PRO B 116 -0.83 2.06 28.14
N ALA B 117 -0.80 1.17 29.12
CA ALA B 117 0.45 0.68 29.70
C ALA B 117 0.23 -0.66 30.38
N LYS B 118 1.30 -1.42 30.51
CA LYS B 118 1.21 -2.70 31.22
C LYS B 118 1.28 -2.47 32.71
N ASP B 119 0.39 -3.14 33.43
CA ASP B 119 0.38 -3.10 34.89
C ASP B 119 1.50 -4.00 35.40
N LYS B 120 1.58 -4.17 36.71
CA LYS B 120 2.66 -4.95 37.32
C LYS B 120 2.53 -6.48 37.11
N GLU B 121 1.41 -6.94 36.56
CA GLU B 121 1.26 -8.32 36.04
C GLU B 121 1.46 -8.45 34.51
N ASP B 122 2.05 -7.43 33.88
CA ASP B 122 2.27 -7.39 32.41
C ASP B 122 0.98 -7.49 31.55
N ILE B 123 -0.11 -6.95 32.10
CA ILE B 123 -1.41 -6.91 31.43
C ILE B 123 -1.68 -5.47 31.05
N PHE B 124 -1.91 -5.21 29.75
CA PHE B 124 -2.22 -3.86 29.28
C PHE B 124 -3.54 -3.37 29.85
N ARG B 125 -3.52 -2.14 30.36
CA ARG B 125 -4.71 -1.44 30.83
C ARG B 125 -4.63 -0.03 30.32
N ILE B 126 -5.72 0.72 30.46
CA ILE B 126 -5.76 2.12 30.05
C ILE B 126 -6.01 2.99 31.30
N GLY B 127 -5.14 3.99 31.49
CA GLY B 127 -5.25 4.94 32.61
C GLY B 127 -5.49 6.35 32.14
N VAL B 128 -5.77 7.23 33.10
CA VAL B 128 -5.97 8.64 32.83
C VAL B 128 -5.08 9.48 33.73
N ALA B 129 -4.68 10.63 33.22
CA ALA B 129 -3.96 11.64 33.99
C ALA B 129 -4.58 12.99 33.66
N VAL B 130 -4.53 13.91 34.61
CA VAL B 130 -5.31 15.14 34.53
C VAL B 130 -4.43 16.38 34.64
N SER B 131 -4.79 17.42 33.89
CA SER B 131 -4.10 18.71 33.94
C SER B 131 -5.08 19.85 33.70
N ASP B 132 -4.71 21.05 34.15
CA ASP B 132 -5.45 22.28 33.81
C ASP B 132 -5.05 22.85 32.44
N SER B 133 -4.00 22.29 31.84
CA SER B 133 -3.44 22.76 30.58
C SER B 133 -3.41 21.63 29.56
N PRO B 134 -3.63 21.95 28.27
CA PRO B 134 -3.51 20.91 27.24
C PRO B 134 -2.11 20.31 27.08
N ALA B 135 -1.08 21.06 27.46
CA ALA B 135 0.32 20.60 27.41
C ALA B 135 0.80 19.90 28.68
N GLY B 136 -0.03 19.86 29.72
CA GLY B 136 0.34 19.23 30.98
C GLY B 136 1.19 20.16 31.83
N PRO B 137 1.96 19.62 32.78
CA PRO B 137 2.07 18.18 33.06
C PRO B 137 0.78 17.57 33.62
N PHE B 138 0.59 16.28 33.34
CA PHE B 138 -0.62 15.55 33.73
C PHE B 138 -0.33 14.71 34.98
N LYS B 139 -1.23 14.80 35.97
CA LYS B 139 -1.10 14.03 37.21
C LYS B 139 -1.89 12.74 37.04
N PRO B 140 -1.21 11.58 37.09
CA PRO B 140 -1.90 10.32 36.85
C PRO B 140 -2.75 9.86 38.03
N GLU B 141 -3.87 9.21 37.73
CA GLU B 141 -4.64 8.50 38.73
C GLU B 141 -3.85 7.28 39.19
N SER B 142 -4.05 6.88 40.45
CA SER B 142 -3.26 5.81 41.03
C SER B 142 -3.54 4.41 40.46
N GLU B 143 -4.75 4.21 39.94
CA GLU B 143 -5.15 2.94 39.33
C GLU B 143 -5.60 3.18 37.88
N PRO B 144 -5.57 2.13 37.03
CA PRO B 144 -6.10 2.29 35.67
C PRO B 144 -7.63 2.37 35.67
N ILE B 145 -8.23 2.68 34.53
CA ILE B 145 -9.67 2.80 34.44
C ILE B 145 -10.29 1.42 34.66
N LYS B 146 -11.21 1.33 35.62
CA LYS B 146 -11.86 0.05 35.91
C LYS B 146 -12.63 -0.45 34.69
N GLY B 147 -12.40 -1.71 34.34
CA GLY B 147 -13.03 -2.33 33.17
C GLY B 147 -12.31 -2.08 31.85
N SER B 148 -11.21 -1.34 31.88
CA SER B 148 -10.40 -1.14 30.69
C SER B 148 -9.42 -2.28 30.54
N TYR B 149 -8.94 -2.45 29.32
CA TYR B 149 -7.93 -3.44 28.99
C TYR B 149 -7.40 -3.16 27.60
N SER B 150 -6.32 -3.85 27.25
CA SER B 150 -5.69 -3.71 25.92
C SER B 150 -5.21 -2.26 25.71
N ILE B 151 -5.19 -1.79 24.47
CA ILE B 151 -4.35 -0.64 24.12
C ILE B 151 -5.05 0.42 23.25
N ASP B 152 -4.28 1.45 22.89
CA ASP B 152 -4.66 2.40 21.83
C ASP B 152 -6.02 3.09 22.03
N PRO B 153 -6.18 3.81 23.14
CA PRO B 153 -7.41 4.57 23.34
C PRO B 153 -7.61 5.71 22.34
N ALA B 154 -8.84 5.93 21.91
CA ALA B 154 -9.24 7.15 21.23
C ALA B 154 -10.50 7.63 21.94
N VAL B 155 -10.46 8.83 22.51
CA VAL B 155 -11.61 9.41 23.22
C VAL B 155 -12.24 10.48 22.32
N PHE B 156 -13.46 10.19 21.89
CA PHE B 156 -14.17 10.97 20.88
C PHE B 156 -15.30 11.75 21.55
N LYS B 157 -15.37 13.05 21.28
CA LYS B 157 -16.46 13.90 21.78
C LYS B 157 -17.48 14.09 20.67
N ASP B 158 -18.70 13.61 20.90
CA ASP B 158 -19.77 13.73 19.91
C ASP B 158 -20.44 15.10 20.03
N ASP B 159 -21.27 15.43 19.04
CA ASP B 159 -21.98 16.72 18.97
C ASP B 159 -22.96 17.00 20.12
N ASP B 160 -23.43 15.94 20.77
CA ASP B 160 -24.30 16.04 21.95
C ASP B 160 -23.55 16.11 23.29
N GLY B 161 -22.24 16.32 23.25
CA GLY B 161 -21.42 16.42 24.46
C GLY B 161 -21.06 15.10 25.12
N LYS B 162 -21.45 13.97 24.53
CA LYS B 162 -21.09 12.67 25.09
C LYS B 162 -19.69 12.29 24.61
N TYR B 163 -18.91 11.68 25.50
CA TYR B 163 -17.56 11.25 25.21
C TYR B 163 -17.49 9.72 25.25
N TYR B 164 -16.84 9.13 24.24
CA TYR B 164 -16.73 7.68 24.11
C TYR B 164 -15.26 7.31 23.98
N MET B 165 -14.83 6.27 24.70
CA MET B 165 -13.50 5.69 24.45
C MET B 165 -13.61 4.49 23.52
N TYR B 166 -12.91 4.58 22.39
CA TYR B 166 -12.67 3.45 21.50
C TYR B 166 -11.31 2.87 21.88
N PHE B 167 -11.19 1.55 21.93
CA PHE B 167 -9.91 0.93 22.31
C PHE B 167 -9.73 -0.50 21.82
N GLY B 168 -8.49 -0.97 21.96
CA GLY B 168 -8.15 -2.35 21.68
C GLY B 168 -7.01 -2.48 20.69
N GLY B 169 -6.28 -3.58 20.83
CA GLY B 169 -5.27 -3.99 19.87
C GLY B 169 -5.01 -5.47 20.04
N ILE B 170 -4.94 -6.21 18.94
CA ILE B 170 -4.69 -7.65 18.98
C ILE B 170 -3.17 -7.95 18.97
N TRP B 171 -2.81 -9.22 18.97
CA TRP B 171 -1.40 -9.64 19.05
C TRP B 171 -0.77 -9.08 20.34
N GLY B 172 0.25 -8.22 20.25
CA GLY B 172 0.91 -7.67 21.44
C GLY B 172 0.00 -6.82 22.30
N GLY B 173 -1.07 -6.28 21.72
CA GLY B 173 -2.07 -5.52 22.47
C GLY B 173 -3.01 -6.32 23.35
N GLN B 174 -2.98 -7.65 23.20
CA GLN B 174 -3.65 -8.61 24.11
C GLN B 174 -5.19 -8.66 24.03
N LEU B 175 -5.81 -7.96 23.08
CA LEU B 175 -7.29 -7.91 23.01
C LEU B 175 -7.90 -9.30 22.87
N GLN B 176 -7.25 -10.15 22.07
CA GLN B 176 -7.64 -11.57 21.91
C GLN B 176 -7.72 -12.37 23.22
N ARG B 177 -7.05 -11.91 24.27
CA ARG B 177 -7.08 -12.56 25.58
C ARG B 177 -8.20 -12.08 26.51
N TRP B 178 -9.14 -11.27 26.00
CA TRP B 178 -10.23 -10.70 26.80
C TRP B 178 -11.63 -11.13 26.29
N THR B 179 -11.68 -12.23 25.54
CA THR B 179 -12.92 -12.71 24.93
C THR B 179 -14.03 -12.97 25.95
N THR B 180 -13.67 -13.53 27.11
CA THR B 180 -14.62 -13.86 28.18
C THR B 180 -14.92 -12.71 29.16
N GLY B 181 -14.21 -11.58 29.03
CA GLY B 181 -14.37 -10.45 29.96
C GLY B 181 -13.31 -10.37 31.05
N GLU B 182 -12.50 -11.43 31.17
CA GLU B 182 -11.36 -11.48 32.08
C GLU B 182 -10.12 -11.91 31.29
N TYR B 183 -8.94 -11.59 31.81
CA TYR B 183 -7.68 -11.90 31.11
C TYR B 183 -7.45 -13.41 31.07
N ALA B 184 -7.19 -13.92 29.86
CA ALA B 184 -7.02 -15.37 29.64
C ALA B 184 -5.68 -15.91 30.14
N GLY B 185 -4.70 -15.03 30.33
CA GLY B 185 -3.39 -15.38 30.88
C GLY B 185 -2.30 -15.26 29.83
N HIS B 186 -1.04 -15.24 30.27
CA HIS B 186 0.10 -15.03 29.36
C HIS B 186 0.39 -16.21 28.43
N ASP B 187 -0.20 -17.39 28.71
CA ASP B 187 -0.12 -18.56 27.82
C ASP B 187 -1.24 -18.61 26.76
N ALA B 188 -2.16 -17.64 26.79
CA ALA B 188 -3.28 -17.60 25.84
C ALA B 188 -2.79 -17.12 24.46
N SER B 189 -3.71 -16.99 23.51
CA SER B 189 -3.35 -16.65 22.13
C SER B 189 -2.42 -15.45 22.04
N LYS B 190 -1.40 -15.59 21.18
CA LYS B 190 -0.46 -14.51 20.88
C LYS B 190 -0.92 -13.64 19.70
N THR B 191 -2.01 -14.02 19.04
CA THR B 191 -2.48 -13.34 17.82
C THR B 191 -3.95 -12.95 17.93
N ASP B 192 -4.86 -13.87 17.61
CA ASP B 192 -6.29 -13.58 17.53
C ASP B 192 -7.11 -14.78 18.03
N LEU B 193 -8.35 -14.95 17.57
CA LEU B 193 -9.17 -16.10 17.99
C LEU B 193 -8.75 -17.43 17.38
N GLU B 194 -7.92 -17.39 16.33
CA GLU B 194 -7.50 -18.60 15.60
C GLU B 194 -8.74 -19.35 15.10
N GLN B 195 -9.65 -18.56 14.53
CA GLN B 195 -10.90 -19.02 13.95
C GLN B 195 -11.17 -18.12 12.76
N ASP B 196 -10.43 -18.35 11.67
CA ASP B 196 -10.52 -17.48 10.48
C ASP B 196 -11.87 -17.41 9.78
N ASP B 197 -12.70 -18.44 9.97
CA ASP B 197 -14.04 -18.48 9.36
C ASP B 197 -15.11 -17.83 10.25
C ASP B 197 -15.10 -17.82 10.25
N ALA B 198 -14.73 -17.45 11.48
CA ALA B 198 -15.62 -16.75 12.41
C ALA B 198 -15.40 -15.25 12.30
N PRO B 199 -16.36 -14.43 12.81
CA PRO B 199 -16.15 -12.98 12.83
C PRO B 199 -14.84 -12.58 13.51
N ALA B 200 -14.16 -11.59 12.93
CA ALA B 200 -12.95 -11.04 13.50
C ALA B 200 -13.26 -10.38 14.84
N ILE B 201 -12.22 -10.27 15.67
CA ILE B 201 -12.33 -9.53 16.94
C ILE B 201 -12.64 -8.09 16.61
N GLY B 202 -13.60 -7.51 17.33
CA GLY B 202 -13.99 -6.12 17.12
C GLY B 202 -13.33 -5.22 18.13
N PRO B 203 -13.11 -3.93 17.77
CA PRO B 203 -12.62 -3.00 18.77
C PRO B 203 -13.69 -2.71 19.83
N ARG B 204 -13.28 -2.08 20.92
CA ARG B 204 -14.16 -1.85 22.06
C ARG B 204 -14.58 -0.39 22.17
N ILE B 205 -15.74 -0.17 22.79
CA ILE B 205 -16.26 1.16 23.05
C ILE B 205 -16.92 1.20 24.42
N ALA B 206 -16.77 2.33 25.10
CA ALA B 206 -17.57 2.65 26.29
C ALA B 206 -17.75 4.15 26.42
N LEU B 207 -18.99 4.55 26.69
CA LEU B 207 -19.29 5.92 27.09
C LEU B 207 -18.52 6.26 28.36
N MET B 208 -18.00 7.47 28.42
CA MET B 208 -17.22 7.94 29.58
C MET B 208 -18.13 8.53 30.64
N SER B 209 -17.71 8.40 31.89
CA SER B 209 -18.38 9.03 33.01
C SER B 209 -18.27 10.56 32.93
N ASP B 210 -19.12 11.25 33.66
CA ASP B 210 -19.11 12.71 33.66
C ASP B 210 -17.75 13.28 34.06
N ASP B 211 -17.10 12.66 35.05
CA ASP B 211 -15.78 13.12 35.54
C ASP B 211 -14.59 12.68 34.67
N MET B 212 -14.86 11.94 33.60
CA MET B 212 -13.85 11.52 32.62
C MET B 212 -12.80 10.53 33.12
N LEU B 213 -12.99 9.97 34.31
CA LEU B 213 -12.04 9.03 34.92
C LEU B 213 -12.47 7.58 34.85
N SER B 214 -13.71 7.34 34.40
CA SER B 214 -14.35 6.03 34.48
C SER B 214 -15.21 5.78 33.26
N PHE B 215 -15.53 4.52 33.02
CA PHE B 215 -16.57 4.16 32.06
C PHE B 215 -17.94 4.31 32.70
N ALA B 216 -18.90 4.81 31.92
CA ALA B 216 -20.27 5.04 32.36
C ALA B 216 -21.19 3.83 32.14
N GLU B 217 -20.72 2.84 31.38
CA GLU B 217 -21.52 1.68 30.99
C GLU B 217 -20.61 0.49 30.75
N PRO B 218 -21.18 -0.73 30.62
CA PRO B 218 -20.35 -1.87 30.25
C PRO B 218 -19.70 -1.71 28.86
N VAL B 219 -18.50 -2.26 28.72
CA VAL B 219 -17.77 -2.20 27.46
C VAL B 219 -18.53 -3.00 26.38
N LYS B 220 -18.64 -2.46 25.17
CA LYS B 220 -19.29 -3.11 24.04
C LYS B 220 -18.23 -3.44 23.00
N GLU B 221 -18.35 -4.59 22.35
CA GLU B 221 -17.53 -4.95 21.20
C GLU B 221 -18.22 -4.46 19.93
N ILE B 222 -17.48 -3.77 19.08
CA ILE B 222 -18.02 -3.15 17.86
C ILE B 222 -18.03 -4.18 16.74
N SER B 223 -19.11 -4.21 15.96
CA SER B 223 -19.20 -5.06 14.78
C SER B 223 -18.78 -4.28 13.53
N ILE B 224 -17.81 -4.81 12.80
CA ILE B 224 -17.44 -4.26 11.50
C ILE B 224 -17.88 -5.29 10.46
N VAL B 225 -18.63 -4.81 9.46
CA VAL B 225 -19.24 -5.67 8.45
C VAL B 225 -18.84 -5.21 7.06
N ASP B 226 -19.03 -6.09 6.08
CA ASP B 226 -18.83 -5.72 4.67
C ASP B 226 -20.07 -5.03 4.12
N GLU B 227 -20.05 -4.64 2.85
CA GLU B 227 -21.22 -3.95 2.24
C GLU B 227 -22.47 -4.83 2.12
N GLN B 228 -22.30 -6.15 2.19
CA GLN B 228 -23.43 -7.10 2.25
C GLN B 228 -24.02 -7.25 3.67
N GLY B 229 -23.43 -6.58 4.67
CA GLY B 229 -23.88 -6.70 6.05
C GLY B 229 -23.35 -7.92 6.77
N ASN B 230 -22.39 -8.62 6.17
CA ASN B 230 -21.79 -9.80 6.79
C ASN B 230 -20.54 -9.40 7.57
N PRO B 231 -20.35 -9.95 8.79
CA PRO B 231 -19.16 -9.62 9.59
C PRO B 231 -17.86 -9.83 8.85
N ILE B 232 -16.92 -8.91 9.02
CA ILE B 232 -15.56 -9.11 8.53
C ILE B 232 -15.00 -10.29 9.33
N LEU B 233 -14.39 -11.25 8.63
CA LEU B 233 -13.94 -12.48 9.25
C LEU B 233 -12.49 -12.39 9.72
N GLY B 234 -12.14 -13.29 10.65
CA GLY B 234 -10.79 -13.38 11.20
C GLY B 234 -9.68 -13.56 10.18
N GLY B 235 -9.95 -14.32 9.12
CA GLY B 235 -8.97 -14.53 8.05
C GLY B 235 -8.77 -13.38 7.08
N ASP B 236 -9.64 -12.37 7.13
CA ASP B 236 -9.61 -11.24 6.21
C ASP B 236 -8.69 -10.15 6.77
N HIS B 237 -7.38 -10.42 6.73
CA HIS B 237 -6.37 -9.52 7.34
C HIS B 237 -6.23 -8.16 6.64
N ASP B 238 -6.65 -8.05 5.39
CA ASP B 238 -6.64 -6.74 4.71
C ASP B 238 -7.67 -5.78 5.28
N ARG B 239 -8.73 -6.28 5.91
CA ARG B 239 -9.82 -5.43 6.38
C ARG B 239 -10.11 -5.48 7.88
N ARG B 240 -9.73 -6.56 8.56
CA ARG B 240 -10.13 -6.74 9.97
C ARG B 240 -9.31 -5.87 10.91
N PHE B 241 -9.96 -5.46 12.00
CA PHE B 241 -9.34 -4.61 13.01
C PHE B 241 -8.09 -5.19 13.65
N PHE B 242 -7.02 -4.39 13.72
CA PHE B 242 -5.80 -4.82 14.43
C PHE B 242 -5.51 -3.93 15.62
N GLU B 243 -5.39 -2.63 15.39
CA GLU B 243 -5.12 -1.65 16.45
C GLU B 243 -5.44 -0.22 15.97
N ALA B 244 -5.13 0.77 16.81
CA ALA B 244 -5.19 2.18 16.41
C ALA B 244 -6.58 2.71 16.02
N ALA B 245 -7.63 2.30 16.74
CA ALA B 245 -8.97 2.85 16.48
C ALA B 245 -9.00 4.37 16.58
N TRP B 246 -9.76 5.00 15.69
CA TRP B 246 -10.00 6.42 15.74
C TRP B 246 -11.41 6.68 15.22
N MET B 247 -12.08 7.66 15.80
CA MET B 247 -13.44 8.05 15.43
C MET B 247 -13.46 9.51 15.03
N HIS B 248 -14.09 9.81 13.90
CA HIS B 248 -14.41 11.20 13.56
C HIS B 248 -15.74 11.23 12.84
N LYS B 249 -16.35 12.40 12.85
CA LYS B 249 -17.69 12.61 12.34
C LYS B 249 -17.62 13.62 11.21
N TYR B 250 -18.20 13.29 10.05
CA TYR B 250 -18.25 14.20 8.91
C TYR B 250 -19.64 14.15 8.27
N ASN B 251 -20.28 15.32 8.12
CA ASN B 251 -21.65 15.43 7.59
C ASN B 251 -22.62 14.39 8.17
N GLY B 252 -22.59 14.25 9.50
CA GLY B 252 -23.51 13.37 10.22
C GLY B 252 -23.16 11.88 10.24
N THR B 253 -22.11 11.47 9.53
CA THR B 253 -21.72 10.05 9.46
C THR B 253 -20.54 9.83 10.40
N TYR B 254 -20.54 8.68 11.07
CA TYR B 254 -19.46 8.27 11.98
C TYR B 254 -18.46 7.41 11.23
N TYR B 255 -17.19 7.83 11.25
CA TYR B 255 -16.10 7.16 10.55
C TYR B 255 -15.19 6.48 11.55
N LEU B 256 -15.24 5.14 11.59
CA LEU B 256 -14.31 4.37 12.41
C LEU B 256 -13.13 3.98 11.53
N SER B 257 -11.95 4.50 11.85
CA SER B 257 -10.73 4.15 11.13
C SER B 257 -9.78 3.40 12.07
N TYR B 258 -8.88 2.63 11.49
CA TYR B 258 -8.00 1.77 12.28
C TYR B 258 -6.90 1.17 11.43
N SER B 259 -5.88 0.64 12.12
CA SER B 259 -4.79 -0.08 11.45
C SER B 259 -5.14 -1.55 11.33
N THR B 260 -4.74 -2.15 10.21
CA THR B 260 -4.89 -3.59 9.98
C THR B 260 -3.60 -4.39 10.33
N GLY B 261 -2.57 -3.72 10.84
CA GLY B 261 -1.41 -4.41 11.42
C GLY B 261 -0.52 -5.14 10.44
N ASP B 262 -0.67 -6.46 10.38
CA ASP B 262 0.21 -7.27 9.54
C ASP B 262 0.01 -7.01 8.04
N THR B 263 -1.08 -6.34 7.66
CA THR B 263 -1.27 -5.87 6.28
C THR B 263 -1.03 -4.36 6.09
N HIS B 264 -0.77 -3.64 7.18
CA HIS B 264 -0.13 -2.31 7.14
C HIS B 264 -0.97 -1.17 6.56
N TYR B 265 -2.29 -1.30 6.56
CA TYR B 265 -3.18 -0.25 6.07
C TYR B 265 -3.80 0.50 7.24
N ILE B 266 -4.08 1.79 7.05
CA ILE B 266 -5.17 2.43 7.78
C ILE B 266 -6.39 2.31 6.87
N VAL B 267 -7.47 1.74 7.40
CA VAL B 267 -8.72 1.56 6.68
C VAL B 267 -9.84 2.24 7.45
N TYR B 268 -11.02 2.32 6.85
CA TYR B 268 -12.16 2.89 7.55
C TYR B 268 -13.48 2.23 7.21
N ALA B 269 -14.42 2.40 8.13
CA ALA B 269 -15.77 1.85 8.03
C ALA B 269 -16.72 2.91 8.57
N THR B 270 -17.95 2.95 8.03
CA THR B 270 -18.89 4.03 8.34
C THR B 270 -20.18 3.53 9.01
N GLY B 271 -20.74 4.36 9.88
CA GLY B 271 -21.99 4.04 10.58
C GLY B 271 -22.79 5.27 10.91
N ASP B 272 -23.96 5.07 11.50
CA ASP B 272 -24.90 6.17 11.81
C ASP B 272 -24.99 6.55 13.30
N ASN B 273 -24.16 5.92 14.12
CA ASN B 273 -24.12 6.18 15.55
C ASN B 273 -22.75 5.75 16.10
N PRO B 274 -22.39 6.17 17.32
CA PRO B 274 -21.07 5.82 17.88
C PRO B 274 -20.75 4.34 17.99
N TYR B 275 -21.77 3.51 18.22
CA TYR B 275 -21.58 2.08 18.49
C TYR B 275 -21.57 1.21 17.25
N GLY B 276 -21.92 1.75 16.09
CA GLY B 276 -22.04 0.97 14.86
C GLY B 276 -23.32 0.13 14.81
N PRO B 277 -23.34 -0.96 14.02
CA PRO B 277 -22.18 -1.51 13.29
C PRO B 277 -21.62 -0.58 12.22
N PHE B 278 -20.36 -0.83 11.84
CA PHE B 278 -19.68 -0.02 10.82
C PHE B 278 -19.43 -0.85 9.57
N THR B 279 -19.74 -0.26 8.43
CA THR B 279 -19.61 -0.92 7.13
C THR B 279 -18.26 -0.54 6.55
N TYR B 280 -17.41 -1.54 6.29
CA TYR B 280 -16.10 -1.31 5.68
C TYR B 280 -16.25 -0.59 4.35
N ARG B 281 -15.46 0.48 4.15
CA ARG B 281 -15.50 1.27 2.91
C ARG B 281 -14.21 1.18 2.10
N GLY B 282 -13.06 1.40 2.72
CA GLY B 282 -11.81 1.38 1.96
C GLY B 282 -10.60 1.81 2.75
N VAL B 283 -9.51 2.06 2.01
CA VAL B 283 -8.23 2.42 2.59
C VAL B 283 -8.10 3.93 2.75
N ILE B 284 -7.62 4.36 3.93
CA ILE B 284 -7.26 5.76 4.18
C ILE B 284 -5.80 5.98 3.80
N LEU B 285 -4.92 5.12 4.32
CA LEU B 285 -3.48 5.29 4.15
C LEU B 285 -2.82 3.96 3.83
N ASN B 286 -2.10 3.94 2.72
CA ASN B 286 -1.35 2.76 2.31
C ASN B 286 -0.10 2.57 3.18
N PRO B 287 0.57 1.40 3.05
CA PRO B 287 1.68 1.12 3.96
C PRO B 287 2.83 2.09 3.87
N VAL B 288 3.44 2.32 5.02
CA VAL B 288 4.53 3.28 5.16
C VAL B 288 5.85 2.55 5.33
N ILE B 289 6.93 3.32 5.47
CA ILE B 289 8.22 2.79 5.88
C ILE B 289 8.10 2.34 7.35
N GLY B 290 8.49 1.10 7.65
CA GLY B 290 8.37 0.53 9.01
C GLY B 290 7.08 -0.25 9.18
N TRP B 291 7.08 -1.21 10.08
CA TRP B 291 5.96 -2.16 10.20
C TRP B 291 4.63 -1.51 10.59
N THR B 292 4.66 -0.61 11.58
CA THR B 292 3.42 -0.03 12.12
C THR B 292 2.85 1.08 11.25
N ASN B 293 1.55 1.32 11.43
CA ASN B 293 0.85 2.39 10.75
C ASN B 293 -0.18 2.89 11.77
N HIS B 294 -0.12 4.19 12.11
CA HIS B 294 -0.96 4.72 13.19
C HIS B 294 -1.23 6.19 12.95
N HIS B 295 -2.44 6.63 13.21
CA HIS B 295 -2.93 7.88 12.66
C HIS B 295 -3.95 8.58 13.55
N SER B 296 -4.30 9.80 13.15
CA SER B 296 -5.53 10.43 13.57
C SER B 296 -6.04 11.36 12.47
N ILE B 297 -7.30 11.74 12.57
CA ILE B 297 -7.99 12.53 11.53
C ILE B 297 -8.68 13.68 12.25
N VAL B 298 -8.33 14.91 11.87
CA VAL B 298 -8.79 16.10 12.59
C VAL B 298 -9.15 17.21 11.61
N GLU B 299 -10.19 17.98 11.96
CA GLU B 299 -10.56 19.18 11.20
C GLU B 299 -9.95 20.39 11.88
N PHE B 300 -9.30 21.24 11.09
CA PHE B 300 -8.71 22.48 11.59
C PHE B 300 -8.83 23.58 10.55
N ASN B 301 -9.45 24.70 10.93
CA ASN B 301 -9.71 25.83 10.03
C ASN B 301 -10.38 25.42 8.71
N GLY B 302 -11.40 24.57 8.83
CA GLY B 302 -12.20 24.14 7.68
C GLY B 302 -11.60 23.08 6.76
N LYS B 303 -10.40 22.58 7.08
CA LYS B 303 -9.73 21.54 6.29
C LYS B 303 -9.51 20.32 7.17
N TRP B 304 -9.56 19.13 6.56
CA TRP B 304 -9.33 17.87 7.27
C TRP B 304 -7.89 17.42 7.04
N TYR B 305 -7.28 16.88 8.09
CA TYR B 305 -5.88 16.44 8.05
C TYR B 305 -5.72 15.03 8.59
N LEU B 306 -4.82 14.28 7.97
CA LEU B 306 -4.39 12.97 8.46
C LEU B 306 -3.00 13.12 9.07
N PHE B 307 -2.92 12.94 10.39
CA PHE B 307 -1.63 12.79 11.07
C PHE B 307 -1.28 11.31 11.07
N TYR B 308 -0.03 10.97 10.77
CA TYR B 308 0.44 9.59 10.74
C TYR B 308 1.91 9.54 11.09
N HIS B 309 2.52 8.36 11.00
CA HIS B 309 3.97 8.21 11.19
C HIS B 309 4.61 7.28 10.19
N ASP B 310 5.94 7.31 10.17
CA ASP B 310 6.72 6.28 9.51
C ASP B 310 8.09 6.16 10.17
N SER B 311 8.93 5.26 9.65
CA SER B 311 10.27 5.04 10.19
C SER B 311 11.36 5.67 9.31
N SER B 312 11.02 6.76 8.61
CA SER B 312 11.91 7.35 7.62
C SER B 312 13.11 8.04 8.29
N LEU B 313 12.85 8.77 9.36
CA LEU B 313 13.91 9.52 10.04
C LEU B 313 14.99 8.62 10.61
N SER B 314 14.62 7.44 11.10
CA SER B 314 15.58 6.47 11.64
C SER B 314 16.25 5.54 10.62
N GLY B 315 15.97 5.75 9.33
CA GLY B 315 16.46 4.87 8.27
C GLY B 315 15.76 3.52 8.25
N GLY B 316 14.51 3.47 8.71
CA GLY B 316 13.68 2.26 8.61
C GLY B 316 13.58 1.39 9.84
N LYS B 317 14.02 1.87 11.00
CA LYS B 317 13.87 1.11 12.25
C LYS B 317 12.42 1.20 12.72
N THR B 318 11.77 0.04 12.85
CA THR B 318 10.33 -0.03 13.14
C THR B 318 9.92 0.70 14.43
N HIS B 319 10.78 0.66 15.45
CA HIS B 319 10.50 1.25 16.75
C HIS B 319 11.02 2.69 16.94
N LEU B 320 11.58 3.30 15.91
CA LEU B 320 12.04 4.69 15.98
C LEU B 320 11.37 5.46 14.86
N ARG B 321 10.24 6.06 15.19
CA ARG B 321 9.35 6.63 14.18
C ARG B 321 9.36 8.15 14.21
N CYS B 322 8.71 8.75 13.22
CA CYS B 322 8.51 10.19 13.18
C CYS B 322 7.13 10.49 12.63
N ILE B 323 6.45 11.45 13.24
CA ILE B 323 5.11 11.82 12.81
C ILE B 323 5.14 12.80 11.65
N LYS B 324 4.08 12.73 10.83
CA LYS B 324 3.90 13.53 9.63
C LYS B 324 2.42 13.89 9.52
N VAL B 325 2.11 14.80 8.59
CA VAL B 325 0.74 15.22 8.34
C VAL B 325 0.51 15.51 6.86
N THR B 326 -0.69 15.22 6.39
CA THR B 326 -1.10 15.59 5.05
C THR B 326 -2.60 15.90 5.04
N GLU B 327 -3.05 16.63 4.03
CA GLU B 327 -4.46 16.95 3.92
C GLU B 327 -5.24 15.69 3.54
N LEU B 328 -6.43 15.55 4.12
CA LEU B 328 -7.33 14.43 3.84
C LEU B 328 -8.58 14.99 3.18
N THR B 329 -9.12 14.27 2.19
CA THR B 329 -10.26 14.73 1.39
C THR B 329 -11.44 13.78 1.51
N HIS B 330 -12.57 14.32 1.99
CA HIS B 330 -13.84 13.65 1.89
C HIS B 330 -14.45 14.00 0.55
N ASN B 331 -14.87 12.99 -0.21
CA ASN B 331 -15.57 13.20 -1.48
C ASN B 331 -17.03 13.53 -1.24
N ALA B 332 -17.72 13.96 -2.30
CA ALA B 332 -19.14 14.33 -2.21
C ALA B 332 -20.04 13.18 -1.76
N ASP B 333 -19.69 11.94 -2.12
CA ASP B 333 -20.46 10.75 -1.72
C ASP B 333 -20.14 10.19 -0.31
N GLY B 334 -19.32 10.91 0.45
CA GLY B 334 -18.98 10.50 1.82
C GLY B 334 -17.71 9.66 1.95
N THR B 335 -17.19 9.12 0.84
CA THR B 335 -15.96 8.33 0.88
C THR B 335 -14.74 9.23 1.10
N ILE B 336 -13.64 8.63 1.53
CA ILE B 336 -12.39 9.35 1.77
C ILE B 336 -11.40 8.92 0.68
N GLU B 337 -10.68 9.90 0.13
CA GLU B 337 -9.67 9.64 -0.91
C GLU B 337 -8.47 8.96 -0.27
N THR B 338 -8.07 7.82 -0.82
CA THR B 338 -6.92 7.09 -0.29
C THR B 338 -5.63 7.87 -0.49
N ILE B 339 -4.81 7.90 0.55
CA ILE B 339 -3.53 8.56 0.54
C ILE B 339 -2.43 7.51 0.42
N SER B 340 -1.50 7.73 -0.51
CA SER B 340 -0.29 6.92 -0.64
C SER B 340 0.86 7.80 -0.18
N PRO B 341 1.62 7.37 0.84
CA PRO B 341 2.55 8.28 1.54
C PRO B 341 3.71 8.89 0.74
N TYR B 342 4.18 8.22 -0.31
CA TYR B 342 5.43 8.62 -1.00
C TYR B 342 5.24 8.88 -2.50
N ILE B 343 4.11 9.50 -2.84
CA ILE B 343 3.79 9.86 -4.22
C ILE B 343 3.46 11.35 -4.27
N GLU B 344 4.17 12.11 -5.11
CA GLU B 344 3.93 13.56 -5.25
C GLU B 344 2.60 13.83 -5.94
O1 XYP C . -0.90 12.02 -11.16
C1 XYP C . -0.76 11.51 -12.49
C2 XYP C . 0.69 11.09 -12.71
C3 XYP C . 0.87 10.54 -14.11
C4 XYP C . -0.18 9.46 -14.39
C5 XYP C . -1.60 9.85 -14.00
O2 XYP C . 1.56 12.20 -12.49
O3 XYP C . 2.17 9.98 -14.23
O4 XYP C . -0.17 9.17 -15.79
O5 XYP C . -1.64 10.40 -12.68
C1 XYP C . 0.11 7.82 -16.12
C2 XYP C . -0.28 7.57 -17.57
C3 XYP C . 0.05 6.13 -17.94
C4 XYP C . 1.53 5.87 -17.65
C5 XYP C . 1.86 6.20 -16.20
O2 XYP C . -1.68 7.81 -17.75
O3 XYP C . -0.26 5.89 -19.32
O4 XYP C . 1.84 4.51 -17.95
O5 XYP C . 1.50 7.54 -15.91
O1 XYP D . 7.18 11.32 -34.15
C1 XYP D . 5.78 11.48 -33.87
C2 XYP D . 5.39 10.84 -32.53
C3 XYP D . 3.98 11.20 -32.12
C4 XYP D . 3.74 12.69 -32.23
C5 XYP D . 4.12 13.15 -33.62
O2 XYP D . 5.41 9.42 -32.62
O3 XYP D . 3.71 10.77 -30.77
O4 XYP D . 2.35 12.91 -32.01
O5 XYP D . 5.50 12.88 -33.84
C1 XYP D . 1.93 14.22 -31.64
C2 XYP D . 0.76 14.53 -32.56
C3 XYP D . -0.10 15.70 -32.09
C4 XYP D . -0.38 15.64 -30.59
C5 XYP D . 0.93 15.43 -29.85
O2 XYP D . 1.29 14.79 -33.87
O3 XYP D . -1.36 15.69 -32.79
O4 XYP D . -1.03 16.85 -30.18
O5 XYP D . 1.54 14.21 -30.27
O1 XYP E . 2.95 -13.71 9.32
C1 XYP E . 3.92 -12.75 9.74
C2 XYP E . 3.50 -11.35 9.23
C3 XYP E . 4.41 -10.26 9.78
C4 XYP E . 4.56 -10.39 11.29
C5 XYP E . 4.99 -11.81 11.68
O2 XYP E . 3.53 -11.33 7.80
O3 XYP E . 3.87 -8.97 9.46
O4 XYP E . 5.53 -9.42 11.76
O5 XYP E . 4.03 -12.76 11.17
C1 XYP E . 5.39 -8.99 13.11
C2 XYP E . 6.37 -7.86 13.43
C3 XYP E . 6.17 -7.28 14.83
C4 XYP E . 4.71 -6.97 15.07
C5 XYP E . 3.81 -8.13 14.68
O2 XYP E . 7.70 -8.35 13.27
O3 XYP E . 6.89 -6.05 14.99
O4 XYP E . 4.47 -6.69 16.45
O5 XYP E . 4.06 -8.52 13.33
C1 XYP E . 3.42 -5.76 16.66
C2 XYP E . 2.72 -6.07 17.98
C3 XYP E . 1.68 -5.00 18.24
C4 XYP E . 2.33 -3.62 18.20
C5 XYP E . 3.02 -3.42 16.85
O2 XYP E . 2.06 -7.33 17.88
O3 XYP E . 1.06 -5.20 19.53
O4 XYP E . 1.35 -2.63 18.43
O5 XYP E . 3.99 -4.45 16.64
O1 XYP F . -17.16 -3.52 -1.96
C1 XYP F . -15.87 -4.12 -2.05
C2 XYP F . -14.97 -3.65 -0.91
C3 XYP F . -13.59 -4.28 -1.05
C4 XYP F . -13.67 -5.79 -1.20
C5 XYP F . -14.75 -6.23 -2.18
O2 XYP F . -14.89 -2.22 -0.92
O3 XYP F . -12.79 -3.97 0.08
O4 XYP F . -12.40 -6.27 -1.64
O5 XYP F . -15.99 -5.54 -1.96
C1 XYP F . -11.97 -7.47 -1.02
C2 XYP F . -10.79 -8.04 -1.81
C3 XYP F . -10.08 -9.18 -1.06
C4 XYP F . -9.84 -8.83 0.41
C5 XYP F . -11.10 -8.29 1.07
O2 XYP F . -11.28 -8.50 -3.08
O3 XYP F . -8.81 -9.45 -1.68
O4 XYP F . -9.43 -10.00 1.16
O5 XYP F . -11.58 -7.17 0.32
C1 XYP F . -8.02 -10.25 1.17
C2 XYP F . -7.62 -10.85 2.52
C3 XYP F . -6.14 -11.20 2.55
C4 XYP F . -5.80 -12.06 1.34
C5 XYP F . -6.28 -11.40 0.04
O2 XYP F . -7.90 -9.91 3.56
O3 XYP F . -5.81 -11.85 3.78
O4 XYP F . -4.38 -12.26 1.29
O5 XYP F . -7.68 -11.14 0.10
CA CA G . 5.70 -5.32 -18.24
NA NA H . -2.56 -10.63 0.67
C1 XYS I . 4.26 2.90 -16.55
C2 XYS I . 3.98 2.04 -17.78
C3 XYS I . 5.16 2.00 -18.74
C4 XYS I . 5.98 3.29 -18.73
C5 XYS I . 5.13 4.46 -18.27
O1 XYS I . 5.27 2.28 -15.69
O2 XYS I . 3.61 0.72 -17.33
O3 XYS I . 4.67 1.73 -20.09
O4 XYS I . 7.09 3.20 -17.80
O5 XYS I . 4.64 4.24 -16.94
O1 XYP J . -19.61 -6.97 -4.11
C1 XYP J . -18.96 -8.23 -3.96
C2 XYP J . -17.43 -8.04 -4.06
C3 XYP J . -16.70 -9.35 -3.78
C4 XYP J . -17.14 -9.91 -2.44
C5 XYP J . -18.66 -10.05 -2.40
O2 XYP J . -17.03 -7.54 -5.34
O3 XYP J . -15.29 -9.13 -3.80
O4 XYP J . -16.49 -11.16 -2.18
O5 XYP J . -19.30 -8.79 -2.67
C ACT K . 16.57 -20.27 -23.22
O ACT K . 17.54 -20.45 -22.45
OXT ACT K . 16.66 -19.63 -24.29
CH3 ACT K . 15.23 -20.84 -22.84
CA CA L . -4.42 6.29 18.56
NA NA M . -10.18 4.43 -1.90
C1 XYS N . 1.63 0.42 17.41
C2 XYS N . 0.57 0.64 18.50
C3 XYS N . 1.07 1.61 19.58
C4 XYS N . 2.54 1.41 19.90
C5 XYS N . 3.05 0.06 19.39
O1 XYS N . 1.82 1.60 16.58
O2 XYS N . -0.65 1.10 17.88
O3 XYS N . 0.30 1.43 20.78
O4 XYS N . 3.34 2.42 19.25
O5 XYS N . 2.88 -0.01 17.96
C ACT O . 5.23 -8.14 6.11
O ACT O . 5.52 -7.21 5.33
OXT ACT O . 4.32 -7.99 6.97
CH3 ACT O . 5.96 -9.45 6.02
#